data_8IHI
#
_entry.id   8IHI
#
_cell.length_a   1.00
_cell.length_b   1.00
_cell.length_c   1.00
_cell.angle_alpha   90.00
_cell.angle_beta   90.00
_cell.angle_gamma   90.00
#
_symmetry.space_group_name_H-M   'P 1'
#
loop_
_entity.id
_entity.type
_entity.pdbx_description
1 polymer 'Guanine nucleotide-binding protein G(i) subunit alpha-1'
2 polymer scFv16
3 polymer 'Guanine nucleotide-binding protein G(I)/G(S)/G(T) subunit beta-1'
4 polymer 'Guanine nucleotide-binding protein G(I)/G(S)/G(O) subunit gamma-2'
5 polymer 'Soluble cytochrome b562,Hydroxycarboxylic acid receptor 2'
6 non-polymer 2-acetamido-2-deoxy-beta-D-glucopyranose
7 non-polymer '(5~{S})-5-methyl-4-oxidanylidene-5-phenyl-furan-2-carboxylic acid'
#
loop_
_entity_poly.entity_id
_entity_poly.type
_entity_poly.pdbx_seq_one_letter_code
_entity_poly.pdbx_strand_id
1 'polypeptide(L)'
;MGCTLSAEDKAAVERSKMIDRNLREDGEKAAREVKLLLLGAGESGKSTIVKQMKIIHEAGYSEEECKQYKAVVYSNTIQS
IIAIIRAMGRLKIDFGDSARADDARQLFVLAGAAEEGFMTAELAGVIKRLWKDSGVQACFNRSREYQLNDSAAYYLNDLD
RIAQPNYIPTQQDVLRTRVKTTGIVETHFTFKDLHFKMFDVGAQRSERKKWIHCFEGVAAIIFCVALSDYDLVLAEDEEM
NRMHESMKLFDSICNNKWFTDTSIILFLNKKDLFEEKIKKSPLTICYQEYAGSNTYEEAAAYIQCQFEDLNKRKDTKEIY
THFTCSTDTKNVQFVFDAVTDVIIKNNLKDCGLF
;
A
2 'polypeptide(L)'
;DVQLVESGGGLVQPGGSRKLSCSASGFAFSSFGMHWVRQAPEKGLEWVAYISSGSGTIYYADTVKGRFTISRDDPKNTLF
LQMTSLRSEDTAMYYCVRSIYYYGSSPFDFWGQGTTLTVSSGGGGSGGGGSGGGGSDIVMTQATSSVPVTPGESVSISCR
SSKSLLHSNGNTYLYWFLQRPGQSPQLLIYRMSNLASGVPDRFSGSGSGTAFTLTISRLEAEDVGVYYCMQHLEYPLTFG
AGTKLELK
;
S
3 'polypeptide(L)'
;MHHHHHHHHENLYFQGSSELDQLRQEAEQLKNQIRDARKACADATLSQITNNIDPVGRIQMRTRRTLRGHLAKIYAMHWG
TDSRLLVSASQDGKLIIWDSYTTNKVHAIPLRSSWVMTCAYAPSGNYVACGGLDNICSIYNLKTREGNVRVSRELAGHTG
YLSCCRFLDDNQIVTSSGDTTCALWDIETGQQTTTFTGHTGDVMSLSLAPDTRLFVSGACDASAKLWDVREGMCRQTFTG
HESDINAICFFPNGNAFATGSDDATCRLFDLRADQELMTYSHDNIICGITSVSFSKSGRLLLAGYDDFNCNVWDALKADR
AGVLAGHDNRVSCLGVTDDGMAVATGSWDSFLKIWNGGSGGGGSGGSSSGGVSGWRLFKKIS
;
B
4 'polypeptide(L)' ASNNTASIAQARKLVEQLKMEANIDRIKVSKAAADLMAYCEAHAKEDPLLTPVPASENPFREKKFFCAIL C
5 'polypeptide(L)'
;MKTIIALSYIFCLVFADYKDDDDKADLEDNWETLNDNLKVIEKADNAAQVKDALTKMRAAALDAQKATPPKLEDKSPDSP
EMKDFRHGFDILVGQIDDALKLANEGKVKEAQAAAEQLKTTRNAYIQKYLNRHHLQDHFLEIDKKNCCVFRDDFIVKVLP
PVLGLEFIFGLLGNGLALWIFCFHLKSWKSSRIFLFNLAVADFLLIICLPFLMDNYVRRWDWKFGDIPCRLMLFMLAMNR
QGSIIFLTVVAVDRYFRVVHPHHALNKISNRTAAIISCLLWGITIGLTVHLLKKKMPIQNGGANLCSSFSICHTFQWHEA
MFLLEFFLPLGIILFCSARIIWSLRQRQMDRHAKIKRAITFIMVVAIVFVICFLPSVVVRIRIFWLLHTSGTQNCEVYRS
VDLAFFITLSFTYMNSMLDPVVYYFSSPSFPNFFSTLINRCLQRKMTGEPDNNRSTSVELTGDPNKTRGAPEALMANSGE
PWSPSYLGPTSPENLYFQGSVFTLEDFVGDWEQTAAYNLDQVLEQGGVSSLLQNLAVSVTPIQRIVRSGENALKIDIHVI
IPYEGLSADQMAQIEEVFKVVYPVDDHHFKVILPYGTLVIDGVTPNMLNYFGRPYEGIAVFDGKKITVTGTLWNGNKIID
ERLITPDGSMLFRVTINS
;
R
#
# COMPACT_ATOMS: atom_id res chain seq x y z
N SER A 6 22.08 -20.70 -1.52
CA SER A 6 20.84 -20.33 -2.18
C SER A 6 19.69 -21.25 -1.75
N ALA A 7 20.05 -22.39 -1.14
CA ALA A 7 19.03 -23.30 -0.65
C ALA A 7 18.20 -22.65 0.46
N GLU A 8 18.87 -21.98 1.41
CA GLU A 8 18.15 -21.26 2.45
C GLU A 8 17.58 -19.94 1.93
N ASP A 9 18.20 -19.36 0.91
CA ASP A 9 17.70 -18.09 0.37
C ASP A 9 16.44 -18.31 -0.45
N LYS A 10 16.39 -19.41 -1.22
CA LYS A 10 15.18 -19.71 -1.98
C LYS A 10 14.00 -20.00 -1.07
N ALA A 11 14.26 -20.56 0.12
CA ALA A 11 13.18 -20.78 1.08
C ALA A 11 12.74 -19.49 1.73
N ALA A 12 13.65 -18.51 1.84
CA ALA A 12 13.27 -17.21 2.38
C ALA A 12 12.43 -16.41 1.40
N VAL A 13 12.61 -16.64 0.09
CA VAL A 13 11.82 -15.93 -0.90
C VAL A 13 10.38 -16.42 -0.88
N GLU A 14 10.17 -17.73 -0.82
CA GLU A 14 8.81 -18.26 -0.81
C GLU A 14 8.08 -17.94 0.49
N ARG A 15 8.81 -17.61 1.56
CA ARG A 15 8.17 -17.11 2.77
C ARG A 15 7.63 -15.70 2.54
N SER A 16 8.39 -14.86 1.85
CA SER A 16 7.92 -13.52 1.51
C SER A 16 6.70 -13.59 0.60
N LYS A 17 6.71 -14.52 -0.36
CA LYS A 17 5.55 -14.69 -1.24
C LYS A 17 4.33 -15.17 -0.47
N MET A 18 4.54 -16.06 0.51
CA MET A 18 3.42 -16.50 1.34
C MET A 18 2.90 -15.36 2.21
N ILE A 19 3.76 -14.43 2.60
CA ILE A 19 3.31 -13.23 3.29
C ILE A 19 2.55 -12.32 2.33
N ASP A 20 3.05 -12.21 1.10
CA ASP A 20 2.40 -11.33 0.11
C ASP A 20 0.98 -11.75 -0.18
N ARG A 21 0.74 -13.06 -0.34
CA ARG A 21 -0.60 -13.51 -0.67
C ARG A 21 -1.57 -13.31 0.49
N ASN A 22 -1.07 -13.31 1.72
CA ASN A 22 -1.93 -13.01 2.87
C ASN A 22 -2.23 -11.53 2.99
N LEU A 23 -1.29 -10.67 2.59
CA LEU A 23 -1.54 -9.23 2.64
C LEU A 23 -2.65 -8.83 1.67
N ARG A 24 -2.66 -9.43 0.47
CA ARG A 24 -3.71 -9.14 -0.49
C ARG A 24 -5.08 -9.61 0.01
N GLU A 25 -5.11 -10.77 0.68
CA GLU A 25 -6.37 -11.29 1.18
C GLU A 25 -6.98 -10.37 2.22
N ASP A 26 -6.15 -9.84 3.13
CA ASP A 26 -6.65 -8.88 4.11
C ASP A 26 -7.05 -7.57 3.44
N GLY A 27 -6.27 -7.12 2.45
CA GLY A 27 -6.61 -5.88 1.77
C GLY A 27 -7.91 -5.97 1.00
N GLU A 28 -8.18 -7.14 0.40
CA GLU A 28 -9.46 -7.33 -0.27
C GLU A 28 -10.61 -7.31 0.72
N LYS A 29 -10.43 -7.89 1.90
CA LYS A 29 -11.46 -7.85 2.93
C LYS A 29 -11.69 -6.42 3.43
N ALA A 30 -10.61 -5.66 3.63
CA ALA A 30 -10.74 -4.30 4.14
C ALA A 30 -11.37 -3.37 3.11
N ALA A 31 -11.10 -3.59 1.82
CA ALA A 31 -11.66 -2.73 0.79
C ALA A 31 -13.16 -2.86 0.67
N ARG A 32 -13.75 -3.97 1.15
CA ARG A 32 -15.18 -4.19 1.08
C ARG A 32 -15.90 -3.73 2.35
N GLU A 33 -15.33 -2.77 3.08
CA GLU A 33 -15.93 -2.24 4.29
C GLU A 33 -16.08 -0.73 4.18
N VAL A 34 -17.14 -0.22 4.78
CA VAL A 34 -17.47 1.20 4.73
C VAL A 34 -16.96 1.85 6.01
N LYS A 35 -16.12 2.86 5.86
CA LYS A 35 -15.55 3.58 7.00
C LYS A 35 -16.26 4.91 7.18
N LEU A 36 -16.74 5.15 8.40
CA LEU A 36 -17.43 6.39 8.75
C LEU A 36 -16.73 7.05 9.92
N LEU A 37 -16.86 8.37 10.00
CA LEU A 37 -16.30 9.16 11.08
C LEU A 37 -17.44 9.85 11.81
N LEU A 38 -17.47 9.71 13.13
CA LEU A 38 -18.52 10.26 13.97
C LEU A 38 -17.97 11.39 14.82
N LEU A 39 -18.63 12.55 14.76
CA LEU A 39 -18.21 13.73 15.51
C LEU A 39 -19.40 14.32 16.24
N GLY A 40 -19.12 15.21 17.17
CA GLY A 40 -20.17 15.83 17.96
C GLY A 40 -19.60 16.76 18.99
N ALA A 41 -20.45 17.17 19.93
CA ALA A 41 -20.07 18.07 21.00
C ALA A 41 -20.01 17.36 22.35
N GLY A 42 -19.71 16.06 22.34
CA GLY A 42 -19.60 15.30 23.57
C GLY A 42 -20.92 14.71 24.04
N GLU A 43 -21.81 15.56 24.54
CA GLU A 43 -23.12 15.15 25.01
C GLU A 43 -24.21 15.41 23.98
N SER A 44 -23.88 15.34 22.69
CA SER A 44 -24.82 15.65 21.63
C SER A 44 -25.68 14.46 21.22
N GLY A 45 -25.49 13.30 21.84
CA GLY A 45 -26.23 12.12 21.47
C GLY A 45 -25.49 11.12 20.61
N LYS A 46 -24.17 11.23 20.51
CA LYS A 46 -23.40 10.28 19.71
C LYS A 46 -23.53 8.87 20.27
N SER A 47 -23.52 8.73 21.60
CA SER A 47 -23.78 7.44 22.21
C SER A 47 -25.20 6.97 21.91
N THR A 48 -26.17 7.88 21.95
CA THR A 48 -27.55 7.53 21.62
C THR A 48 -27.67 7.09 20.16
N ILE A 49 -26.95 7.76 19.26
CA ILE A 49 -26.97 7.39 17.85
C ILE A 49 -26.38 6.00 17.66
N VAL A 50 -25.27 5.71 18.35
CA VAL A 50 -24.58 4.43 18.17
C VAL A 50 -25.50 3.27 18.52
N LYS A 51 -26.30 3.43 19.59
CA LYS A 51 -27.22 2.36 19.98
C LYS A 51 -28.24 2.08 18.90
N GLN A 52 -28.69 3.11 18.19
CA GLN A 52 -29.67 2.92 17.12
C GLN A 52 -29.10 2.06 15.99
N MET A 53 -27.85 2.30 15.63
CA MET A 53 -27.21 1.56 14.53
C MET A 53 -26.81 0.15 14.92
N LYS A 54 -26.81 -0.19 16.20
CA LYS A 54 -26.49 -1.55 16.64
C LYS A 54 -27.71 -2.45 16.61
N THR A 182 -8.97 4.78 27.39
CA THR A 182 -9.23 5.92 26.52
C THR A 182 -8.60 5.69 25.14
N GLY A 183 -8.84 6.64 24.24
CA GLY A 183 -8.30 6.56 22.89
C GLY A 183 -9.33 6.72 21.81
N ILE A 184 -9.46 5.72 20.95
CA ILE A 184 -10.44 5.73 19.86
C ILE A 184 -11.43 4.61 20.10
N VAL A 185 -12.68 4.84 19.72
CA VAL A 185 -13.74 3.85 19.89
C VAL A 185 -14.20 3.40 18.52
N GLU A 186 -14.17 2.09 18.29
CA GLU A 186 -14.50 1.50 17.00
C GLU A 186 -15.78 0.68 17.15
N THR A 187 -16.72 0.88 16.23
CA THR A 187 -18.01 0.21 16.26
C THR A 187 -18.23 -0.55 14.97
N HIS A 188 -18.77 -1.77 15.08
CA HIS A 188 -19.02 -2.63 13.95
C HIS A 188 -20.51 -2.94 13.87
N PHE A 189 -21.12 -2.66 12.72
CA PHE A 189 -22.51 -3.00 12.49
C PHE A 189 -22.72 -3.24 11.00
N THR A 190 -23.76 -4.01 10.69
CA THR A 190 -24.07 -4.39 9.32
C THR A 190 -25.51 -4.03 8.99
N PHE A 191 -25.77 -3.79 7.71
CA PHE A 191 -27.11 -3.47 7.24
C PHE A 191 -27.20 -3.82 5.76
N LYS A 192 -28.12 -4.71 5.41
CA LYS A 192 -28.35 -5.12 4.02
C LYS A 192 -27.06 -5.65 3.38
N ASP A 193 -26.41 -6.58 4.07
CA ASP A 193 -25.19 -7.24 3.60
C ASP A 193 -24.07 -6.24 3.33
N LEU A 194 -24.06 -5.13 4.06
CA LEU A 194 -23.01 -4.13 3.96
C LEU A 194 -22.41 -3.90 5.34
N HIS A 195 -21.08 -3.97 5.44
CA HIS A 195 -20.39 -3.88 6.71
C HIS A 195 -19.83 -2.48 6.88
N PHE A 196 -20.24 -1.81 7.95
CA PHE A 196 -19.82 -0.44 8.24
C PHE A 196 -18.79 -0.43 9.36
N LYS A 197 -17.95 0.60 9.36
CA LYS A 197 -16.94 0.81 10.39
C LYS A 197 -17.11 2.23 10.93
N MET A 198 -17.42 2.35 12.21
CA MET A 198 -17.66 3.63 12.86
C MET A 198 -16.52 3.94 13.82
N PHE A 199 -15.96 5.13 13.71
CA PHE A 199 -14.86 5.58 14.56
C PHE A 199 -15.28 6.81 15.33
N ASP A 200 -15.08 6.79 16.64
CA ASP A 200 -15.42 7.90 17.51
C ASP A 200 -14.14 8.54 18.05
N VAL A 201 -14.02 9.86 17.86
CA VAL A 201 -12.82 10.59 18.28
C VAL A 201 -13.20 11.61 19.34
N GLY A 202 -14.24 11.33 20.12
CA GLY A 202 -14.68 12.26 21.13
C GLY A 202 -13.86 12.28 22.41
N ALA A 203 -12.94 11.34 22.57
CA ALA A 203 -12.09 11.28 23.75
C ALA A 203 -10.67 11.74 23.49
N GLN A 204 -10.42 12.38 22.35
CA GLN A 204 -9.06 12.82 22.04
C GLN A 204 -8.70 14.09 22.80
N ARG A 205 -9.50 15.14 22.65
CA ARG A 205 -9.29 16.41 23.33
C ARG A 205 -7.90 16.98 23.03
N SER A 206 -7.46 16.84 21.78
CA SER A 206 -6.16 17.34 21.37
C SER A 206 -6.31 18.25 20.15
N GLU A 207 -5.19 18.64 19.55
CA GLU A 207 -5.22 19.48 18.36
C GLU A 207 -5.77 18.66 17.19
N ARG A 208 -6.97 19.02 16.73
CA ARG A 208 -7.63 18.24 15.70
C ARG A 208 -6.85 18.23 14.40
N LYS A 209 -6.12 19.31 14.11
CA LYS A 209 -5.43 19.41 12.83
C LYS A 209 -4.33 18.36 12.68
N LYS A 210 -3.70 17.97 13.78
CA LYS A 210 -2.51 17.12 13.69
C LYS A 210 -2.84 15.66 13.39
N TRP A 211 -4.09 15.24 13.56
CA TRP A 211 -4.47 13.85 13.30
C TRP A 211 -5.71 13.73 12.42
N ILE A 212 -6.19 14.82 11.83
CA ILE A 212 -7.40 14.74 11.02
C ILE A 212 -7.13 14.20 9.62
N HIS A 213 -5.88 14.22 9.15
CA HIS A 213 -5.57 13.67 7.85
C HIS A 213 -5.57 12.15 7.83
N CYS A 214 -5.63 11.51 9.01
CA CYS A 214 -5.71 10.06 9.06
C CYS A 214 -7.05 9.55 8.52
N PHE A 215 -8.11 10.32 8.71
CA PHE A 215 -9.46 9.91 8.31
C PHE A 215 -9.83 10.40 6.92
N GLU A 216 -8.88 10.99 6.19
CA GLU A 216 -9.15 11.46 4.82
C GLU A 216 -9.32 10.24 3.93
N GLY A 217 -10.56 9.94 3.56
CA GLY A 217 -10.86 8.78 2.76
C GLY A 217 -12.05 8.00 3.27
N VAL A 218 -12.70 8.51 4.32
CA VAL A 218 -13.90 7.88 4.85
C VAL A 218 -15.05 8.09 3.86
N ALA A 219 -15.98 7.13 3.84
CA ALA A 219 -17.12 7.24 2.94
C ALA A 219 -18.00 8.42 3.29
N ALA A 220 -18.26 8.63 4.59
CA ALA A 220 -19.13 9.71 5.02
C ALA A 220 -18.73 10.14 6.43
N ILE A 221 -19.14 11.34 6.79
CA ILE A 221 -18.91 11.91 8.11
C ILE A 221 -20.27 12.09 8.78
N ILE A 222 -20.39 11.56 10.00
CA ILE A 222 -21.63 11.65 10.77
C ILE A 222 -21.44 12.72 11.84
N PHE A 223 -22.29 13.74 11.80
CA PHE A 223 -22.24 14.84 12.76
C PHE A 223 -23.50 14.80 13.62
N CYS A 224 -23.31 14.82 14.93
CA CYS A 224 -24.42 14.77 15.88
C CYS A 224 -24.51 16.12 16.59
N VAL A 225 -25.69 16.73 16.52
CA VAL A 225 -25.95 18.02 17.15
C VAL A 225 -27.24 17.91 17.93
N ALA A 226 -27.22 18.32 19.19
CA ALA A 226 -28.40 18.25 20.05
C ALA A 226 -29.18 19.55 19.92
N LEU A 227 -30.42 19.45 19.41
CA LEU A 227 -31.26 20.63 19.26
C LEU A 227 -31.69 21.20 20.60
N SER A 228 -31.71 20.40 21.66
CA SER A 228 -32.12 20.87 22.97
C SER A 228 -31.08 21.73 23.65
N ASP A 229 -29.86 21.80 23.10
CA ASP A 229 -28.77 22.57 23.69
C ASP A 229 -28.60 23.93 23.04
N TYR A 230 -29.70 24.54 22.59
CA TYR A 230 -29.61 25.86 21.97
C TYR A 230 -29.53 26.99 22.99
N ASP A 231 -29.83 26.71 24.26
CA ASP A 231 -29.73 27.73 25.30
C ASP A 231 -28.78 27.38 26.43
N LEU A 232 -28.41 26.11 26.60
CA LEU A 232 -27.40 25.76 27.59
C LEU A 232 -26.04 26.32 27.16
N VAL A 233 -25.28 26.78 28.14
CA VAL A 233 -23.96 27.34 27.90
C VAL A 233 -22.91 26.38 28.46
N LEU A 234 -21.73 26.38 27.85
CA LEU A 234 -20.65 25.51 28.27
C LEU A 234 -19.99 26.03 29.54
N GLU A 239 -20.77 33.19 29.04
CA GLU A 239 -19.96 32.59 27.98
C GLU A 239 -20.76 32.45 26.69
N MET A 240 -20.46 31.40 25.93
CA MET A 240 -21.16 31.10 24.69
C MET A 240 -21.96 29.81 24.84
N ASN A 241 -23.15 29.80 24.27
CA ASN A 241 -24.03 28.64 24.40
C ASN A 241 -23.43 27.45 23.64
N ARG A 242 -23.88 26.24 24.03
CA ARG A 242 -23.33 25.03 23.44
C ARG A 242 -23.65 24.90 21.97
N MET A 243 -24.76 25.50 21.51
CA MET A 243 -25.12 25.40 20.11
C MET A 243 -24.08 26.07 19.22
N HIS A 244 -23.60 27.25 19.61
CA HIS A 244 -22.57 27.92 18.82
C HIS A 244 -21.25 27.17 18.86
N GLU A 245 -20.99 26.42 19.93
CA GLU A 245 -19.82 25.55 19.94
C GLU A 245 -19.95 24.46 18.89
N SER A 246 -21.15 23.91 18.72
CA SER A 246 -21.37 22.92 17.68
C SER A 246 -21.20 23.52 16.29
N MET A 247 -21.69 24.74 16.08
CA MET A 247 -21.55 25.39 14.78
C MET A 247 -20.10 25.67 14.45
N LYS A 248 -19.31 26.07 15.44
CA LYS A 248 -17.89 26.35 15.20
C LYS A 248 -17.15 25.09 14.75
N LEU A 249 -17.43 23.96 15.40
CA LEU A 249 -16.80 22.70 14.99
C LEU A 249 -17.29 22.25 13.62
N PHE A 250 -18.58 22.45 13.33
CA PHE A 250 -19.12 22.08 12.03
C PHE A 250 -18.48 22.91 10.92
N ASP A 251 -18.22 24.19 11.18
CA ASP A 251 -17.64 25.06 10.17
C ASP A 251 -16.24 24.59 9.79
N SER A 252 -15.44 24.18 10.77
CA SER A 252 -14.08 23.73 10.49
C SER A 252 -14.05 22.35 9.83
N ILE A 253 -14.90 21.43 10.30
CA ILE A 253 -14.87 20.07 9.77
C ILE A 253 -15.42 20.03 8.35
N CYS A 254 -16.37 20.90 8.01
CA CYS A 254 -16.93 20.90 6.66
C CYS A 254 -15.98 21.57 5.67
N ASN A 255 -15.30 22.63 6.09
CA ASN A 255 -14.41 23.39 5.22
C ASN A 255 -12.95 22.93 5.33
N ASN A 256 -12.71 21.79 5.96
CA ASN A 256 -11.35 21.27 6.08
C ASN A 256 -10.77 20.99 4.70
N LYS A 257 -9.47 21.24 4.54
CA LYS A 257 -8.81 20.99 3.27
C LYS A 257 -8.73 19.51 2.95
N TRP A 258 -8.89 18.63 3.94
CA TRP A 258 -8.87 17.19 3.69
C TRP A 258 -10.24 16.65 3.32
N PHE A 259 -11.30 17.28 3.80
CA PHE A 259 -12.67 16.86 3.52
C PHE A 259 -13.28 17.88 2.56
N THR A 260 -13.08 17.65 1.26
CA THR A 260 -13.64 18.51 0.23
C THR A 260 -14.73 17.84 -0.60
N ASP A 261 -14.81 16.51 -0.58
CA ASP A 261 -15.80 15.78 -1.34
C ASP A 261 -16.55 14.72 -0.54
N THR A 262 -16.19 14.51 0.72
CA THR A 262 -16.87 13.53 1.55
C THR A 262 -18.24 14.05 1.97
N SER A 263 -19.27 13.23 1.81
CA SER A 263 -20.60 13.61 2.22
C SER A 263 -20.69 13.71 3.73
N ILE A 264 -21.43 14.70 4.22
CA ILE A 264 -21.62 14.92 5.65
C ILE A 264 -23.07 14.60 5.97
N ILE A 265 -23.29 13.64 6.86
CA ILE A 265 -24.62 13.28 7.33
C ILE A 265 -24.84 13.99 8.65
N LEU A 266 -25.72 14.98 8.67
CA LEU A 266 -25.97 15.79 9.85
C LEU A 266 -27.19 15.26 10.58
N PHE A 267 -27.02 14.91 11.84
CA PHE A 267 -28.08 14.39 12.68
C PHE A 267 -28.42 15.44 13.74
N LEU A 268 -29.70 15.79 13.84
CA LEU A 268 -30.19 16.74 14.83
C LEU A 268 -31.00 15.96 15.86
N ASN A 269 -30.33 15.53 16.92
CA ASN A 269 -30.94 14.68 17.92
C ASN A 269 -31.77 15.52 18.92
N LYS A 270 -32.33 14.84 19.91
CA LYS A 270 -33.06 15.47 21.01
C LYS A 270 -34.19 16.36 20.49
N LYS A 271 -34.92 15.87 19.49
CA LYS A 271 -36.04 16.63 18.97
C LYS A 271 -37.24 16.62 19.91
N ASP A 272 -37.34 15.63 20.80
CA ASP A 272 -38.41 15.63 21.79
C ASP A 272 -38.19 16.71 22.84
N LEU A 273 -36.96 16.81 23.36
CA LEU A 273 -36.66 17.84 24.35
C LEU A 273 -36.67 19.22 23.74
N PHE A 274 -36.39 19.32 22.43
CA PHE A 274 -36.41 20.62 21.77
C PHE A 274 -37.83 21.11 21.53
N GLU A 275 -38.78 20.19 21.30
CA GLU A 275 -40.14 20.59 20.98
C GLU A 275 -40.88 21.08 22.23
N GLU A 276 -40.47 20.63 23.42
CA GLU A 276 -41.11 21.10 24.64
C GLU A 276 -40.46 22.38 25.15
N LYS A 277 -39.15 22.51 24.96
CA LYS A 277 -38.43 23.66 25.48
C LYS A 277 -38.82 24.95 24.77
N ILE A 278 -39.10 24.87 23.48
CA ILE A 278 -39.48 26.06 22.72
C ILE A 278 -40.80 26.64 23.20
N LYS A 279 -41.67 25.81 23.79
CA LYS A 279 -42.92 26.32 24.33
C LYS A 279 -42.68 27.27 25.51
N LYS A 280 -41.73 26.95 26.38
CA LYS A 280 -41.45 27.77 27.56
C LYS A 280 -40.34 28.79 27.33
N SER A 281 -39.47 28.57 26.35
CA SER A 281 -38.39 29.50 26.07
C SER A 281 -38.32 29.77 24.58
N PRO A 282 -37.96 30.99 24.19
CA PRO A 282 -37.86 31.30 22.76
C PRO A 282 -36.53 30.84 22.18
N LEU A 283 -36.38 31.06 20.87
CA LEU A 283 -35.12 30.76 20.20
C LEU A 283 -34.18 31.95 20.19
N THR A 284 -34.66 33.13 20.62
CA THR A 284 -33.88 34.35 20.49
C THR A 284 -32.58 34.31 21.28
N ILE A 285 -32.51 33.51 22.34
CA ILE A 285 -31.27 33.40 23.09
C ILE A 285 -30.19 32.76 22.23
N CYS A 286 -30.55 31.79 21.38
CA CYS A 286 -29.57 31.18 20.51
C CYS A 286 -29.21 32.11 19.35
N TYR A 287 -30.20 32.45 18.52
CA TYR A 287 -30.01 33.36 17.40
C TYR A 287 -30.80 34.64 17.65
N GLN A 288 -30.10 35.75 17.80
CA GLN A 288 -30.75 37.04 18.05
C GLN A 288 -31.42 37.60 16.80
N GLU A 289 -31.07 37.11 15.62
CA GLU A 289 -31.67 37.57 14.37
C GLU A 289 -32.89 36.75 13.96
N TYR A 290 -33.30 35.79 14.79
CA TYR A 290 -34.45 34.96 14.46
C TYR A 290 -35.73 35.79 14.47
N ALA A 291 -36.58 35.55 13.46
CA ALA A 291 -37.86 36.24 13.32
C ALA A 291 -38.87 35.22 12.83
N GLY A 292 -39.60 34.61 13.77
CA GLY A 292 -40.57 33.60 13.41
C GLY A 292 -41.30 33.12 14.65
N SER A 293 -42.27 32.24 14.41
CA SER A 293 -43.08 31.70 15.50
C SER A 293 -42.27 30.73 16.34
N ASN A 294 -42.70 30.54 17.58
CA ASN A 294 -42.09 29.57 18.50
C ASN A 294 -42.77 28.21 18.38
N THR A 295 -42.80 27.71 17.15
CA THR A 295 -43.35 26.40 16.83
C THR A 295 -42.23 25.46 16.40
N TYR A 296 -42.48 24.16 16.52
CA TYR A 296 -41.46 23.17 16.23
C TYR A 296 -41.05 23.20 14.75
N GLU A 297 -42.04 23.27 13.86
CA GLU A 297 -41.74 23.17 12.43
C GLU A 297 -40.89 24.35 11.96
N GLU A 298 -41.22 25.56 12.40
CA GLU A 298 -40.46 26.73 11.96
C GLU A 298 -39.10 26.79 12.64
N ALA A 299 -39.04 26.51 13.94
CA ALA A 299 -37.76 26.57 14.65
C ALA A 299 -36.80 25.49 14.16
N ALA A 300 -37.29 24.27 13.93
CA ALA A 300 -36.42 23.20 13.47
C ALA A 300 -35.86 23.49 12.09
N ALA A 301 -36.69 24.02 11.19
CA ALA A 301 -36.23 24.33 9.85
C ALA A 301 -35.20 25.45 9.83
N TYR A 302 -35.28 26.38 10.79
CA TYR A 302 -34.33 27.49 10.82
C TYR A 302 -32.95 27.01 11.27
N ILE A 303 -32.90 26.11 12.26
CA ILE A 303 -31.62 25.59 12.72
C ILE A 303 -30.95 24.78 11.61
N GLN A 304 -31.72 23.99 10.88
CA GLN A 304 -31.18 23.24 9.76
C GLN A 304 -30.62 24.17 8.69
N CYS A 305 -31.32 25.27 8.41
CA CYS A 305 -30.83 26.22 7.42
C CYS A 305 -29.54 26.88 7.87
N GLN A 306 -29.41 27.17 9.16
CA GLN A 306 -28.19 27.78 9.67
C GLN A 306 -27.00 26.81 9.56
N PHE A 307 -27.24 25.52 9.78
CA PHE A 307 -26.13 24.56 9.72
C PHE A 307 -25.70 24.30 8.28
N GLU A 308 -26.65 24.24 7.35
CA GLU A 308 -26.28 24.05 5.95
C GLU A 308 -25.67 25.30 5.34
N ASP A 309 -25.98 26.48 5.88
CA ASP A 309 -25.38 27.71 5.38
C ASP A 309 -23.89 27.76 5.60
N LEU A 310 -23.37 26.98 6.57
CA LEU A 310 -21.93 26.93 6.81
C LEU A 310 -21.17 26.20 5.70
N ASN A 311 -21.87 25.55 4.78
CA ASN A 311 -21.23 24.84 3.67
C ASN A 311 -20.79 25.85 2.62
N LYS A 312 -19.48 26.05 2.50
CA LYS A 312 -18.97 26.98 1.49
C LYS A 312 -18.87 26.32 0.13
N ARG A 313 -18.50 25.05 0.08
CA ARG A 313 -18.40 24.31 -1.18
C ARG A 313 -19.74 23.64 -1.46
N LYS A 314 -20.70 24.45 -1.91
CA LYS A 314 -22.05 23.95 -2.17
C LYS A 314 -22.14 23.09 -3.43
N ASP A 315 -21.12 23.12 -4.29
CA ASP A 315 -21.15 22.39 -5.55
C ASP A 315 -20.28 21.15 -5.57
N THR A 316 -19.53 20.86 -4.49
CA THR A 316 -18.63 19.73 -4.47
C THR A 316 -19.07 18.64 -3.50
N LYS A 317 -19.77 18.98 -2.42
CA LYS A 317 -20.19 17.99 -1.44
C LYS A 317 -21.65 18.23 -1.08
N GLU A 318 -22.29 17.17 -0.60
CA GLU A 318 -23.70 17.22 -0.21
C GLU A 318 -23.82 16.97 1.29
N ILE A 319 -24.61 17.82 1.95
CA ILE A 319 -24.86 17.71 3.38
C ILE A 319 -26.26 17.16 3.57
N TYR A 320 -26.35 15.97 4.18
CA TYR A 320 -27.62 15.33 4.45
C TYR A 320 -28.05 15.68 5.87
N THR A 321 -29.24 16.25 6.01
CA THR A 321 -29.76 16.66 7.31
C THR A 321 -30.96 15.78 7.67
N HIS A 322 -30.92 15.22 8.87
CA HIS A 322 -31.98 14.36 9.37
C HIS A 322 -32.32 14.77 10.80
N PHE A 323 -33.60 14.63 11.16
CA PHE A 323 -34.06 14.92 12.52
C PHE A 323 -34.27 13.59 13.23
N THR A 324 -33.48 13.35 14.28
CA THR A 324 -33.46 12.08 14.98
C THR A 324 -34.17 12.22 16.32
N CYS A 325 -35.20 11.42 16.53
CA CYS A 325 -35.88 11.37 17.81
C CYS A 325 -35.07 10.55 18.81
N SER A 326 -35.38 10.73 20.09
CA SER A 326 -34.68 10.00 21.14
C SER A 326 -34.90 8.49 21.00
N THR A 327 -36.13 8.08 20.72
CA THR A 327 -36.49 6.67 20.54
C THR A 327 -37.18 6.54 19.18
N ASP A 328 -36.39 6.24 18.15
CA ASP A 328 -36.92 6.12 16.80
C ASP A 328 -36.07 5.12 16.02
N THR A 329 -36.51 4.80 14.81
CA THR A 329 -35.80 3.87 13.95
C THR A 329 -35.53 4.50 12.59
N LYS A 330 -35.07 3.69 11.64
CA LYS A 330 -34.75 4.08 10.26
C LYS A 330 -33.57 5.04 10.17
N ASN A 331 -32.88 5.32 11.28
CA ASN A 331 -31.71 6.18 11.23
C ASN A 331 -30.50 5.46 10.62
N VAL A 332 -30.40 4.14 10.82
CA VAL A 332 -29.37 3.38 10.13
C VAL A 332 -29.69 3.30 8.64
N GLN A 333 -30.99 3.30 8.29
CA GLN A 333 -31.37 3.34 6.89
C GLN A 333 -30.94 4.64 6.22
N PHE A 334 -31.07 5.76 6.94
CA PHE A 334 -30.66 7.05 6.39
C PHE A 334 -29.16 7.06 6.09
N VAL A 335 -28.37 6.40 6.93
CA VAL A 335 -26.93 6.29 6.65
C VAL A 335 -26.69 5.38 5.46
N PHE A 336 -27.47 4.30 5.34
CA PHE A 336 -27.30 3.38 4.21
C PHE A 336 -27.61 4.06 2.89
N ASP A 337 -28.68 4.86 2.84
CA ASP A 337 -29.03 5.58 1.62
C ASP A 337 -27.96 6.60 1.26
N ALA A 338 -27.47 7.34 2.25
CA ALA A 338 -26.43 8.34 1.99
C ALA A 338 -25.11 7.70 1.58
N VAL A 339 -24.77 6.55 2.17
CA VAL A 339 -23.53 5.88 1.83
C VAL A 339 -23.60 5.31 0.41
N THR A 340 -24.77 4.84 -0.01
CA THR A 340 -24.92 4.29 -1.36
C THR A 340 -24.65 5.36 -2.41
N ASP A 341 -25.14 6.58 -2.19
CA ASP A 341 -24.87 7.66 -3.13
C ASP A 341 -23.38 7.95 -3.23
N VAL A 342 -22.63 7.75 -2.14
CA VAL A 342 -21.19 7.92 -2.20
C VAL A 342 -20.54 6.83 -3.04
N ILE A 343 -21.01 5.59 -2.89
CA ILE A 343 -20.44 4.49 -3.65
C ILE A 343 -20.73 4.66 -5.14
N ILE A 344 -21.94 5.11 -5.48
CA ILE A 344 -22.27 5.39 -6.88
C ILE A 344 -21.35 6.47 -7.44
N LYS A 345 -21.15 7.55 -6.67
CA LYS A 345 -20.22 8.58 -7.10
C LYS A 345 -18.78 8.06 -7.13
N ASN A 346 -18.46 7.09 -6.29
CA ASN A 346 -17.14 6.47 -6.34
C ASN A 346 -17.02 5.54 -7.54
N ASN A 347 -18.06 4.75 -7.81
CA ASN A 347 -18.01 3.81 -8.92
C ASN A 347 -17.90 4.53 -10.26
N LEU A 348 -18.62 5.63 -10.42
CA LEU A 348 -18.54 6.39 -11.65
C LEU A 348 -17.16 7.00 -11.86
N LYS A 349 -16.40 7.20 -10.78
CA LYS A 349 -15.06 7.75 -10.91
C LYS A 349 -14.10 6.76 -11.58
N ASP A 350 -14.24 5.47 -11.26
CA ASP A 350 -13.42 4.47 -11.94
C ASP A 350 -13.75 4.39 -13.43
N CYS A 351 -15.04 4.47 -13.78
CA CYS A 351 -15.44 4.38 -15.17
C CYS A 351 -15.24 5.68 -15.94
N GLY A 352 -14.92 6.78 -15.25
CA GLY A 352 -14.64 8.04 -15.90
C GLY A 352 -15.85 8.90 -16.18
N LEU A 353 -17.06 8.44 -15.88
CA LEU A 353 -18.25 9.24 -16.14
C LEU A 353 -18.31 10.46 -15.23
N PHE A 354 -17.95 10.29 -13.96
CA PHE A 354 -18.04 11.38 -12.99
C PHE A 354 -16.65 11.80 -12.52
N VAL B 5 7.07 -29.24 21.58
CA VAL B 5 7.36 -30.67 21.60
C VAL B 5 6.66 -31.38 20.45
N GLU B 6 7.15 -32.57 20.11
CA GLU B 6 6.56 -33.36 19.03
C GLU B 6 6.89 -34.82 19.27
N SER B 7 5.96 -35.70 18.90
CA SER B 7 6.13 -37.13 19.11
C SER B 7 5.20 -37.89 18.18
N GLY B 8 5.43 -39.19 18.07
CA GLY B 8 4.59 -40.06 17.26
C GLY B 8 5.36 -40.84 16.22
N GLY B 9 4.85 -42.01 15.83
CA GLY B 9 5.53 -42.81 14.83
C GLY B 9 4.89 -44.18 14.71
N GLY B 10 5.56 -45.03 13.93
CA GLY B 10 5.11 -46.38 13.65
C GLY B 10 5.87 -47.43 14.43
N LEU B 11 5.65 -48.69 14.06
CA LEU B 11 6.18 -49.83 14.79
C LEU B 11 6.80 -50.80 13.79
N VAL B 12 7.12 -52.01 14.26
CA VAL B 12 7.82 -53.01 13.47
C VAL B 12 6.84 -53.74 12.56
N GLN B 13 7.23 -53.94 11.31
CA GLN B 13 6.47 -54.74 10.35
C GLN B 13 7.43 -55.55 9.48
N PRO B 14 6.99 -56.70 8.97
CA PRO B 14 7.83 -57.44 8.02
C PRO B 14 7.64 -56.99 6.58
N GLY B 15 8.66 -56.36 6.01
CA GLY B 15 8.72 -56.00 4.61
C GLY B 15 7.45 -55.43 3.98
N GLY B 16 6.68 -54.68 4.76
CA GLY B 16 5.41 -54.16 4.27
C GLY B 16 5.40 -52.66 4.04
N SER B 17 4.43 -51.98 4.65
CA SER B 17 4.31 -50.54 4.55
C SER B 17 3.87 -49.98 5.89
N ARG B 18 4.19 -48.70 6.11
CA ARG B 18 3.85 -48.04 7.36
C ARG B 18 3.81 -46.54 7.10
N LYS B 19 3.01 -45.83 7.90
CA LYS B 19 2.86 -44.38 7.77
C LYS B 19 3.37 -43.72 9.05
N LEU B 20 4.36 -42.86 8.91
CA LEU B 20 4.92 -42.13 10.03
C LEU B 20 4.16 -40.83 10.26
N SER B 21 3.88 -40.53 11.52
CA SER B 21 3.14 -39.33 11.89
C SER B 21 3.86 -38.58 12.99
N CYS B 22 3.78 -37.26 12.94
CA CYS B 22 4.35 -36.39 13.96
C CYS B 22 3.26 -35.47 14.48
N SER B 23 3.29 -35.18 15.78
CA SER B 23 2.27 -34.39 16.45
C SER B 23 2.91 -33.11 16.98
N ALA B 24 2.85 -32.04 16.20
CA ALA B 24 3.36 -30.75 16.64
C ALA B 24 2.51 -30.21 17.79
N SER B 25 3.12 -29.40 18.64
CA SER B 25 2.43 -28.91 19.84
C SER B 25 2.97 -27.55 20.22
N GLY B 26 2.19 -26.50 19.95
CA GLY B 26 2.44 -25.18 20.51
C GLY B 26 3.70 -24.46 20.06
N PHE B 27 4.00 -24.48 18.75
CA PHE B 27 5.06 -23.62 18.24
C PHE B 27 4.68 -23.02 16.89
N ALA B 28 3.39 -22.86 16.61
CA ALA B 28 2.90 -22.29 15.35
C ALA B 28 3.41 -23.12 14.16
N PHE B 29 2.94 -24.37 14.13
CA PHE B 29 3.40 -25.35 13.14
C PHE B 29 3.13 -24.91 11.71
N SER B 30 2.17 -24.00 11.49
CA SER B 30 1.76 -23.66 10.14
C SER B 30 2.84 -22.90 9.35
N SER B 31 3.84 -22.34 10.03
CA SER B 31 4.85 -21.51 9.38
C SER B 31 6.25 -22.08 9.55
N PHE B 32 6.38 -23.39 9.67
CA PHE B 32 7.66 -24.06 9.85
C PHE B 32 7.83 -25.13 8.79
N GLY B 33 9.00 -25.13 8.14
CA GLY B 33 9.34 -26.23 7.24
C GLY B 33 9.92 -27.40 8.02
N MET B 34 9.43 -28.60 7.72
CA MET B 34 9.74 -29.79 8.51
C MET B 34 10.51 -30.80 7.67
N HIS B 35 11.51 -31.42 8.29
CA HIS B 35 12.31 -32.47 7.68
C HIS B 35 11.96 -33.81 8.32
N TRP B 36 12.59 -34.88 7.83
CA TRP B 36 12.35 -36.23 8.34
C TRP B 36 13.68 -36.97 8.46
N VAL B 37 14.67 -36.31 9.05
CA VAL B 37 15.99 -36.91 9.20
C VAL B 37 15.89 -38.22 9.99
N ARG B 38 16.59 -39.24 9.50
CA ARG B 38 16.55 -40.57 10.10
C ARG B 38 17.97 -41.01 10.44
N GLN B 39 18.08 -41.91 11.41
CA GLN B 39 19.36 -42.42 11.86
C GLN B 39 19.25 -43.92 12.09
N ALA B 40 20.08 -44.69 11.38
CA ALA B 40 20.11 -46.14 11.49
C ALA B 40 20.57 -46.54 12.89
N PRO B 41 20.48 -47.82 13.26
CA PRO B 41 20.83 -48.18 14.65
C PRO B 41 22.23 -47.78 15.08
N GLU B 42 23.22 -47.82 14.18
CA GLU B 42 24.60 -47.59 14.59
C GLU B 42 25.39 -46.62 13.72
N LYS B 43 24.78 -46.00 12.72
CA LYS B 43 25.50 -45.04 11.89
C LYS B 43 24.99 -43.62 12.19
N GLY B 44 25.50 -42.66 11.43
CA GLY B 44 25.15 -41.27 11.60
C GLY B 44 23.81 -40.93 10.98
N LEU B 45 23.44 -39.66 11.10
CA LEU B 45 22.16 -39.19 10.59
C LEU B 45 22.17 -39.15 9.07
N GLU B 46 20.97 -39.17 8.50
CA GLU B 46 20.81 -39.10 7.04
C GLU B 46 19.48 -38.44 6.74
N TRP B 47 19.52 -37.37 5.95
CA TRP B 47 18.31 -36.65 5.58
C TRP B 47 17.44 -37.52 4.67
N VAL B 48 16.11 -37.37 4.82
CA VAL B 48 15.17 -38.22 4.09
C VAL B 48 14.26 -37.40 3.20
N ALA B 49 13.50 -36.48 3.79
CA ALA B 49 12.52 -35.70 3.04
C ALA B 49 12.44 -34.30 3.63
N TYR B 50 11.58 -33.48 3.04
CA TYR B 50 11.37 -32.10 3.47
C TYR B 50 10.12 -31.56 2.79
N ILE B 51 9.31 -30.84 3.55
CA ILE B 51 8.15 -30.13 3.02
C ILE B 51 8.17 -28.71 3.57
N SER B 52 7.98 -27.72 2.70
CA SER B 52 8.13 -26.33 3.09
C SER B 52 6.87 -25.81 3.76
N SER B 53 6.88 -24.53 4.12
CA SER B 53 5.71 -23.90 4.72
C SER B 53 4.65 -23.66 3.65
N GLY B 54 3.42 -24.05 3.95
CA GLY B 54 2.35 -23.97 2.98
C GLY B 54 2.32 -25.12 1.99
N SER B 55 3.06 -26.20 2.24
CA SER B 55 3.11 -27.36 1.37
C SER B 55 3.52 -26.97 -0.05
N GLY B 56 4.63 -26.25 -0.15
CA GLY B 56 5.13 -25.81 -1.44
C GLY B 56 6.18 -26.74 -1.99
N THR B 57 7.42 -26.29 -2.03
CA THR B 57 8.50 -27.12 -2.56
C THR B 57 8.73 -28.33 -1.65
N ILE B 58 8.88 -29.49 -2.27
CA ILE B 58 9.10 -30.75 -1.56
C ILE B 58 10.32 -31.43 -2.17
N TYR B 59 11.22 -31.91 -1.32
CA TYR B 59 12.43 -32.58 -1.75
C TYR B 59 12.52 -33.95 -1.09
N TYR B 60 13.15 -34.89 -1.78
CA TYR B 60 13.32 -36.24 -1.26
C TYR B 60 14.77 -36.67 -1.42
N ALA B 61 15.20 -37.58 -0.55
CA ALA B 61 16.51 -38.17 -0.70
C ALA B 61 16.55 -39.05 -1.93
N ASP B 62 17.75 -39.21 -2.49
CA ASP B 62 17.89 -40.01 -3.71
C ASP B 62 17.48 -41.46 -3.49
N THR B 63 17.66 -41.98 -2.28
CA THR B 63 17.34 -43.37 -1.99
C THR B 63 15.88 -43.59 -1.62
N VAL B 64 15.11 -42.53 -1.40
CA VAL B 64 13.71 -42.68 -1.00
C VAL B 64 12.82 -41.83 -1.90
N LYS B 65 13.29 -41.54 -3.11
CA LYS B 65 12.55 -40.65 -4.00
C LYS B 65 11.25 -41.30 -4.45
N GLY B 66 11.31 -42.54 -4.92
CA GLY B 66 10.14 -43.19 -5.48
C GLY B 66 9.25 -43.91 -4.50
N ARG B 67 9.79 -44.28 -3.34
CA ARG B 67 9.05 -45.09 -2.38
C ARG B 67 8.37 -44.25 -1.30
N PHE B 68 8.99 -43.16 -0.88
CA PHE B 68 8.47 -42.34 0.22
C PHE B 68 7.62 -41.20 -0.33
N THR B 69 6.81 -40.63 0.57
CA THR B 69 6.07 -39.40 0.27
C THR B 69 5.77 -38.69 1.58
N ILE B 70 5.94 -37.37 1.58
CA ILE B 70 5.80 -36.56 2.79
C ILE B 70 4.71 -35.52 2.54
N SER B 71 3.79 -35.40 3.50
CA SER B 71 2.74 -34.40 3.42
C SER B 71 2.40 -33.93 4.83
N ARG B 72 1.83 -32.74 4.92
CA ARG B 72 1.51 -32.12 6.20
C ARG B 72 0.05 -31.71 6.23
N ASP B 73 -0.50 -31.65 7.44
CA ASP B 73 -1.86 -31.19 7.69
C ASP B 73 -1.76 -30.04 8.69
N ASP B 74 -1.83 -28.82 8.20
CA ASP B 74 -1.68 -27.64 9.07
C ASP B 74 -2.73 -27.60 10.17
N PRO B 75 -4.02 -27.82 9.90
CA PRO B 75 -4.96 -28.04 11.01
C PRO B 75 -4.57 -29.28 11.80
N LYS B 76 -4.78 -29.22 13.12
CA LYS B 76 -4.47 -30.30 14.06
C LYS B 76 -2.96 -30.50 14.21
N ASN B 77 -2.16 -29.74 13.45
CA ASN B 77 -0.71 -29.68 13.61
C ASN B 77 -0.08 -31.07 13.57
N THR B 78 -0.20 -31.74 12.43
CA THR B 78 0.32 -33.09 12.28
C THR B 78 1.05 -33.22 10.96
N LEU B 79 2.22 -33.87 10.99
CA LEU B 79 3.04 -34.13 9.82
C LEU B 79 3.06 -35.63 9.54
N PHE B 80 3.03 -35.99 8.26
CA PHE B 80 2.91 -37.38 7.84
C PHE B 80 4.09 -37.79 6.98
N LEU B 81 4.39 -39.09 7.01
CA LEU B 81 5.33 -39.72 6.09
C LEU B 81 4.81 -41.10 5.73
N GLN B 82 4.58 -41.34 4.46
CA GLN B 82 4.03 -42.60 3.97
C GLN B 82 5.10 -43.33 3.18
N MET B 83 5.42 -44.55 3.59
CA MET B 83 6.40 -45.39 2.90
C MET B 83 5.69 -46.60 2.31
N THR B 84 5.88 -46.82 1.01
CA THR B 84 5.19 -47.89 0.28
C THR B 84 6.00 -49.17 0.22
N SER B 85 7.19 -49.12 -0.38
CA SER B 85 8.07 -50.28 -0.49
C SER B 85 9.23 -50.09 0.47
N LEU B 86 9.37 -51.01 1.42
CA LEU B 86 10.31 -50.87 2.51
C LEU B 86 11.31 -52.02 2.46
N ARG B 87 12.60 -51.68 2.38
CA ARG B 87 13.67 -52.66 2.29
C ARG B 87 14.35 -52.83 3.64
N SER B 88 15.40 -53.66 3.66
CA SER B 88 16.21 -53.84 4.85
C SER B 88 17.31 -52.78 4.98
N GLU B 89 17.44 -51.89 4.00
CA GLU B 89 18.44 -50.84 4.02
C GLU B 89 17.98 -49.58 4.75
N ASP B 90 16.72 -49.54 5.21
CA ASP B 90 16.15 -48.32 5.77
C ASP B 90 15.55 -48.53 7.16
N THR B 91 16.08 -49.48 7.93
CA THR B 91 15.67 -49.63 9.32
C THR B 91 16.40 -48.59 10.15
N ALA B 92 15.65 -47.71 10.81
CA ALA B 92 16.25 -46.56 11.46
C ALA B 92 15.25 -45.94 12.43
N MET B 93 15.74 -45.01 13.24
CA MET B 93 14.91 -44.16 14.08
C MET B 93 14.65 -42.87 13.32
N TYR B 94 13.37 -42.58 13.07
CA TYR B 94 12.98 -41.45 12.23
C TYR B 94 12.70 -40.24 13.12
N TYR B 95 13.56 -39.23 13.00
CA TYR B 95 13.40 -37.99 13.73
C TYR B 95 12.62 -36.98 12.91
N CYS B 96 11.92 -36.08 13.62
CA CYS B 96 11.20 -34.98 12.98
C CYS B 96 11.85 -33.67 13.42
N VAL B 97 12.25 -32.86 12.44
CA VAL B 97 12.99 -31.63 12.69
C VAL B 97 12.22 -30.46 12.09
N ARG B 98 12.03 -29.42 12.88
CA ARG B 98 11.43 -28.18 12.39
C ARG B 98 12.53 -27.22 11.93
N SER B 99 12.17 -26.33 11.02
CA SER B 99 13.13 -25.35 10.50
C SER B 99 12.37 -24.24 9.81
N ILE B 100 12.68 -23.00 10.17
CA ILE B 100 12.06 -21.82 9.57
C ILE B 100 13.16 -21.00 8.90
N TYR B 101 12.85 -20.44 7.74
CA TYR B 101 13.85 -19.77 6.90
C TYR B 101 13.43 -18.31 6.68
N TYR B 102 14.13 -17.40 7.33
CA TYR B 102 14.10 -15.98 6.97
C TYR B 102 15.53 -15.48 7.16
N TYR B 103 15.70 -14.15 7.19
CA TYR B 103 17.04 -13.56 7.11
C TYR B 103 17.93 -14.05 8.26
N GLY B 104 17.46 -13.94 9.49
CA GLY B 104 18.28 -14.28 10.63
C GLY B 104 17.83 -15.51 11.38
N SER B 105 17.06 -16.37 10.73
CA SER B 105 16.50 -17.53 11.41
C SER B 105 17.58 -18.59 11.67
N SER B 106 17.22 -19.55 12.53
CA SER B 106 18.10 -20.67 12.89
C SER B 106 17.39 -21.97 12.58
N PRO B 107 17.60 -22.54 11.39
CA PRO B 107 16.93 -23.78 11.03
C PRO B 107 17.44 -24.95 11.85
N PHE B 108 16.63 -26.02 11.88
CA PHE B 108 16.97 -27.27 12.56
C PHE B 108 17.15 -27.07 14.05
N ASP B 109 16.45 -26.08 14.63
CA ASP B 109 16.66 -25.75 16.03
C ASP B 109 16.14 -26.84 16.95
N PHE B 110 14.92 -27.31 16.72
CA PHE B 110 14.28 -28.29 17.59
C PHE B 110 14.14 -29.62 16.88
N TRP B 111 14.53 -30.69 17.55
CA TRP B 111 14.46 -32.05 17.03
C TRP B 111 13.45 -32.85 17.82
N GLY B 112 12.64 -33.62 17.13
CA GLY B 112 11.64 -34.43 17.78
C GLY B 112 12.25 -35.61 18.53
N GLN B 113 11.40 -36.27 19.31
CA GLN B 113 11.86 -37.44 20.06
C GLN B 113 12.28 -38.56 19.12
N GLY B 114 11.52 -38.79 18.07
CA GLY B 114 11.88 -39.82 17.10
C GLY B 114 11.34 -41.18 17.48
N THR B 115 11.01 -41.97 16.47
CA THR B 115 10.48 -43.31 16.64
C THR B 115 11.25 -44.28 15.77
N THR B 116 11.42 -45.50 16.27
CA THR B 116 12.18 -46.53 15.58
C THR B 116 11.25 -47.54 14.94
N LEU B 117 11.74 -48.17 13.88
CA LEU B 117 11.00 -49.23 13.20
C LEU B 117 12.00 -50.21 12.60
N THR B 118 11.67 -51.50 12.70
CA THR B 118 12.49 -52.56 12.16
C THR B 118 11.70 -53.36 11.13
N VAL B 119 12.41 -53.83 10.09
CA VAL B 119 11.77 -54.55 9.00
C VAL B 119 12.13 -56.01 8.96
N SER B 120 13.14 -56.45 9.72
CA SER B 120 13.58 -57.84 9.75
C SER B 120 13.94 -58.35 8.35
N SER B 136 27.01 -33.80 -8.42
CA SER B 136 26.56 -34.80 -7.46
C SER B 136 26.36 -34.17 -6.09
N ASP B 137 26.26 -35.01 -5.06
CA ASP B 137 26.04 -34.55 -3.70
C ASP B 137 27.36 -34.10 -3.08
N ILE B 138 27.24 -33.46 -1.91
CA ILE B 138 28.38 -33.00 -1.13
C ILE B 138 28.69 -34.04 -0.07
N VAL B 139 29.97 -34.40 0.06
CA VAL B 139 30.42 -35.39 1.03
C VAL B 139 31.18 -34.67 2.12
N MET B 140 30.76 -34.87 3.36
CA MET B 140 31.45 -34.35 4.53
C MET B 140 32.21 -35.48 5.21
N THR B 141 33.52 -35.30 5.40
CA THR B 141 34.36 -36.40 5.85
C THR B 141 34.27 -36.61 7.35
N GLN B 142 34.71 -35.60 8.13
CA GLN B 142 34.83 -35.71 9.58
C GLN B 142 35.67 -36.94 9.95
N ALA B 143 36.94 -36.89 9.55
CA ALA B 143 37.81 -38.06 9.64
C ALA B 143 37.98 -38.53 11.08
N THR B 144 38.11 -37.60 12.02
CA THR B 144 38.28 -37.97 13.42
C THR B 144 37.08 -38.76 13.91
N SER B 145 37.33 -39.83 14.66
CA SER B 145 36.27 -40.69 15.16
C SER B 145 36.27 -40.88 16.67
N SER B 146 37.38 -40.62 17.36
CA SER B 146 37.43 -40.80 18.81
C SER B 146 38.40 -39.80 19.40
N VAL B 147 38.02 -39.19 20.51
CA VAL B 147 38.82 -38.18 21.18
C VAL B 147 38.88 -38.52 22.67
N PRO B 148 40.01 -38.23 23.32
CA PRO B 148 40.05 -38.38 24.79
C PRO B 148 38.98 -37.55 25.47
N VAL B 149 38.42 -38.11 26.55
CA VAL B 149 37.17 -37.64 27.12
C VAL B 149 37.38 -36.89 28.44
N THR B 150 38.63 -36.55 28.78
CA THR B 150 38.91 -35.98 30.09
C THR B 150 38.22 -34.62 30.27
N PRO B 151 37.58 -34.38 31.41
CA PRO B 151 37.02 -33.05 31.68
C PRO B 151 38.06 -31.96 31.64
N GLY B 152 37.58 -30.73 31.44
CA GLY B 152 38.38 -29.54 31.66
C GLY B 152 39.35 -29.19 30.56
N GLU B 153 39.39 -29.95 29.47
CA GLU B 153 40.33 -29.70 28.40
C GLU B 153 39.66 -28.93 27.27
N SER B 154 40.50 -28.33 26.43
CA SER B 154 40.05 -27.56 25.26
C SER B 154 40.22 -28.46 24.04
N VAL B 155 39.10 -28.99 23.53
CA VAL B 155 39.10 -29.92 22.42
C VAL B 155 38.54 -29.23 21.19
N SER B 156 39.13 -29.53 20.03
CA SER B 156 38.66 -29.00 18.75
C SER B 156 38.27 -30.16 17.84
N ILE B 157 37.09 -30.06 17.24
CA ILE B 157 36.56 -31.07 16.34
C ILE B 157 36.59 -30.49 14.93
N SER B 158 37.25 -31.19 14.01
CA SER B 158 37.45 -30.70 12.65
C SER B 158 36.46 -31.34 11.69
N CYS B 159 36.31 -30.71 10.53
CA CYS B 159 35.45 -31.20 9.48
C CYS B 159 35.96 -30.74 8.13
N ARG B 160 35.56 -31.44 7.09
CA ARG B 160 35.95 -31.11 5.72
C ARG B 160 34.78 -31.36 4.79
N SER B 161 34.79 -30.66 3.66
CA SER B 161 33.72 -30.76 2.67
C SER B 161 34.33 -30.95 1.29
N SER B 162 33.57 -31.60 0.41
CA SER B 162 34.04 -31.82 -0.95
C SER B 162 34.22 -30.51 -1.71
N LYS B 163 33.28 -29.58 -1.56
CA LYS B 163 33.34 -28.30 -2.23
C LYS B 163 33.07 -27.18 -1.23
N SER B 164 33.53 -25.99 -1.58
CA SER B 164 33.40 -24.84 -0.69
C SER B 164 31.94 -24.50 -0.44
N LEU B 165 31.59 -24.31 0.83
CA LEU B 165 30.24 -23.95 1.23
C LEU B 165 30.02 -22.45 1.33
N LEU B 166 31.05 -21.65 1.11
CA LEU B 166 30.94 -20.19 1.20
C LEU B 166 30.17 -19.70 -0.01
N HIS B 167 28.88 -19.41 0.18
CA HIS B 167 28.06 -18.88 -0.89
C HIS B 167 28.45 -17.42 -1.18
N SER B 168 28.00 -16.93 -2.34
CA SER B 168 28.26 -15.55 -2.70
C SER B 168 27.62 -14.56 -1.74
N ASN B 169 26.60 -14.99 -0.99
CA ASN B 169 25.98 -14.13 0.01
C ASN B 169 26.92 -13.79 1.16
N GLY B 170 27.99 -14.58 1.35
CA GLY B 170 28.96 -14.31 2.38
C GLY B 170 28.84 -15.16 3.63
N ASN B 171 27.87 -16.06 3.69
CA ASN B 171 27.67 -16.92 4.85
C ASN B 171 27.91 -18.37 4.44
N THR B 172 28.75 -19.07 5.20
CA THR B 172 29.05 -20.48 4.92
C THR B 172 28.01 -21.35 5.61
N TYR B 173 27.25 -22.10 4.83
CA TYR B 173 26.17 -22.94 5.35
C TYR B 173 26.78 -24.20 5.94
N LEU B 174 26.92 -24.22 7.26
CA LEU B 174 27.41 -25.38 7.98
C LEU B 174 26.80 -25.39 9.37
N TYR B 175 26.22 -26.52 9.76
CA TYR B 175 25.49 -26.65 11.00
C TYR B 175 26.13 -27.75 11.86
N TRP B 176 26.28 -27.48 13.14
CA TRP B 176 26.89 -28.41 14.08
C TRP B 176 25.84 -28.91 15.05
N PHE B 177 25.70 -30.24 15.14
CA PHE B 177 24.72 -30.87 16.00
C PHE B 177 25.42 -31.75 17.03
N LEU B 178 24.83 -31.82 18.21
CA LEU B 178 25.32 -32.65 19.30
C LEU B 178 24.25 -33.66 19.69
N GLN B 179 24.62 -34.93 19.73
CA GLN B 179 23.71 -36.01 20.12
C GLN B 179 24.21 -36.59 21.43
N ARG B 180 23.58 -36.18 22.54
CA ARG B 180 23.87 -36.80 23.82
C ARG B 180 23.38 -38.25 23.81
N PRO B 181 24.07 -39.15 24.52
CA PRO B 181 23.73 -40.58 24.42
C PRO B 181 22.36 -40.90 24.99
N GLY B 182 21.44 -41.29 24.11
CA GLY B 182 20.09 -41.63 24.50
C GLY B 182 19.05 -40.57 24.20
N GLN B 183 19.44 -39.38 23.78
CA GLN B 183 18.50 -38.30 23.50
C GLN B 183 18.64 -37.84 22.04
N SER B 184 17.75 -36.94 21.64
CA SER B 184 17.72 -36.44 20.28
C SER B 184 18.86 -35.47 20.02
N PRO B 185 19.25 -35.32 18.75
CA PRO B 185 20.29 -34.32 18.42
C PRO B 185 19.82 -32.91 18.75
N GLN B 186 20.80 -32.06 19.08
CA GLN B 186 20.54 -30.68 19.48
C GLN B 186 21.48 -29.77 18.71
N LEU B 187 20.94 -28.68 18.17
CA LEU B 187 21.73 -27.74 17.39
C LEU B 187 22.56 -26.86 18.30
N LEU B 188 23.86 -26.78 18.02
CA LEU B 188 24.77 -25.89 18.75
C LEU B 188 25.13 -24.65 17.94
N ILE B 189 25.55 -24.84 16.69
CA ILE B 189 26.01 -23.76 15.84
C ILE B 189 25.30 -23.87 14.50
N TYR B 190 24.71 -22.78 14.04
CA TYR B 190 24.13 -22.69 12.71
C TYR B 190 24.93 -21.69 11.89
N ARG B 191 25.16 -22.04 10.62
CA ARG B 191 26.08 -21.30 9.74
C ARG B 191 27.48 -21.28 10.34
N MET B 192 28.32 -20.35 9.87
CA MET B 192 29.75 -20.43 10.17
C MET B 192 30.02 -20.37 11.67
N SER B 193 29.49 -19.36 12.35
CA SER B 193 29.85 -19.11 13.74
C SER B 193 28.68 -18.78 14.65
N ASN B 194 27.48 -18.59 14.11
CA ASN B 194 26.35 -18.18 14.95
C ASN B 194 26.02 -19.26 15.98
N LEU B 195 25.80 -18.83 17.22
CA LEU B 195 25.53 -19.73 18.33
C LEU B 195 24.03 -19.83 18.55
N ALA B 196 23.53 -21.06 18.66
CA ALA B 196 22.10 -21.27 18.84
C ALA B 196 21.65 -20.78 20.21
N SER B 197 20.36 -20.51 20.32
CA SER B 197 19.80 -20.02 21.58
C SER B 197 19.82 -21.12 22.63
N GLY B 198 20.19 -20.75 23.85
CA GLY B 198 20.28 -21.70 24.95
C GLY B 198 21.57 -22.47 25.02
N VAL B 199 22.49 -22.26 24.10
CA VAL B 199 23.78 -22.95 24.11
C VAL B 199 24.80 -22.08 24.84
N PRO B 200 25.52 -22.63 25.82
CA PRO B 200 26.53 -21.83 26.53
C PRO B 200 27.61 -21.33 25.59
N ASP B 201 28.15 -20.16 25.90
CA ASP B 201 29.13 -19.48 25.04
C ASP B 201 30.47 -20.21 24.98
N ARG B 202 30.62 -21.35 25.64
CA ARG B 202 31.87 -22.10 25.55
C ARG B 202 32.13 -22.58 24.13
N PHE B 203 31.08 -23.06 23.45
CA PHE B 203 31.24 -23.55 22.08
C PHE B 203 31.58 -22.41 21.14
N SER B 204 32.42 -22.70 20.16
CA SER B 204 32.80 -21.74 19.13
C SER B 204 32.99 -22.47 17.81
N GLY B 205 32.78 -21.74 16.71
CA GLY B 205 32.90 -22.33 15.40
C GLY B 205 33.57 -21.43 14.38
N SER B 206 34.62 -21.93 13.74
CA SER B 206 35.35 -21.19 12.73
C SER B 206 35.62 -22.10 11.53
N GLY B 207 35.64 -21.50 10.34
CA GLY B 207 35.86 -22.26 9.13
C GLY B 207 36.54 -21.41 8.08
N SER B 208 36.91 -22.07 6.97
CA SER B 208 37.61 -21.43 5.87
C SER B 208 36.95 -21.72 4.53
N GLY B 209 35.68 -22.15 4.54
CA GLY B 209 35.00 -22.47 3.29
C GLY B 209 34.99 -23.96 3.01
N THR B 210 36.08 -24.64 3.29
CA THR B 210 36.21 -26.07 3.08
C THR B 210 36.53 -26.84 4.36
N ALA B 211 37.41 -26.31 5.20
CA ALA B 211 37.74 -26.93 6.48
C ALA B 211 37.13 -26.12 7.61
N PHE B 212 36.38 -26.80 8.47
CA PHE B 212 35.68 -26.16 9.58
C PHE B 212 36.04 -26.86 10.87
N THR B 213 36.14 -26.08 11.95
CA THR B 213 36.45 -26.60 13.27
C THR B 213 35.44 -26.08 14.28
N LEU B 214 35.15 -26.91 15.28
CA LEU B 214 34.31 -26.54 16.42
C LEU B 214 35.18 -26.58 17.67
N THR B 215 35.22 -25.48 18.40
CA THR B 215 36.08 -25.34 19.56
C THR B 215 35.24 -25.34 20.84
N ILE B 216 35.67 -26.11 21.83
CA ILE B 216 35.03 -26.16 23.14
C ILE B 216 36.06 -25.75 24.18
N SER B 217 35.71 -24.78 25.02
CA SER B 217 36.66 -24.24 25.99
C SER B 217 36.84 -25.19 27.17
N ARG B 218 35.77 -25.43 27.91
CA ARG B 218 35.81 -26.31 29.07
C ARG B 218 34.75 -27.39 28.92
N LEU B 219 35.16 -28.65 28.92
CA LEU B 219 34.22 -29.76 28.77
C LEU B 219 33.57 -30.07 30.11
N GLU B 220 32.24 -30.16 30.12
CA GLU B 220 31.49 -30.53 31.30
C GLU B 220 31.06 -32.00 31.18
N ALA B 221 30.42 -32.50 32.22
CA ALA B 221 29.95 -33.89 32.21
C ALA B 221 28.80 -34.10 31.22
N GLU B 222 28.15 -33.03 30.77
CA GLU B 222 27.05 -33.12 29.83
C GLU B 222 27.47 -32.80 28.40
N ASP B 223 28.77 -32.68 28.15
CA ASP B 223 29.28 -32.38 26.81
C ASP B 223 29.66 -33.61 26.01
N VAL B 224 29.48 -34.81 26.57
CA VAL B 224 29.82 -36.03 25.87
C VAL B 224 28.72 -36.37 24.87
N GLY B 225 29.09 -37.14 23.84
CA GLY B 225 28.17 -37.55 22.81
C GLY B 225 28.83 -37.47 21.45
N VAL B 226 28.00 -37.59 20.42
CA VAL B 226 28.46 -37.57 19.03
C VAL B 226 28.19 -36.19 18.45
N TYR B 227 29.16 -35.63 17.76
CA TYR B 227 29.07 -34.30 17.17
C TYR B 227 28.96 -34.44 15.66
N TYR B 228 27.87 -33.94 15.09
CA TYR B 228 27.60 -34.06 13.66
C TYR B 228 27.70 -32.69 12.98
N CYS B 229 28.16 -32.70 11.73
CA CYS B 229 28.24 -31.50 10.91
C CYS B 229 27.38 -31.70 9.67
N MET B 230 26.58 -30.69 9.34
CA MET B 230 25.67 -30.78 8.20
C MET B 230 25.79 -29.51 7.37
N GLN B 231 25.79 -29.68 6.05
CA GLN B 231 25.81 -28.58 5.12
C GLN B 231 24.39 -28.26 4.64
N HIS B 232 24.21 -27.03 4.14
CA HIS B 232 22.92 -26.60 3.63
C HIS B 232 23.04 -25.84 2.32
N LEU B 233 24.12 -26.05 1.57
CA LEU B 233 24.32 -25.31 0.33
C LEU B 233 23.41 -25.84 -0.79
N GLU B 234 23.56 -27.11 -1.13
CA GLU B 234 22.66 -27.79 -2.06
C GLU B 234 21.77 -28.73 -1.28
N TYR B 235 20.52 -28.85 -1.71
CA TYR B 235 19.50 -29.42 -0.84
C TYR B 235 19.68 -30.92 -0.59
N PRO B 236 20.21 -31.72 -1.54
CA PRO B 236 20.59 -33.08 -1.16
C PRO B 236 21.71 -33.06 -0.15
N LEU B 237 21.37 -32.68 1.08
CA LEU B 237 22.34 -32.38 2.13
C LEU B 237 22.71 -33.63 2.92
N THR B 238 23.97 -33.67 3.36
CA THR B 238 24.52 -34.85 4.02
C THR B 238 25.21 -34.43 5.31
N PHE B 239 25.28 -35.38 6.24
CA PHE B 239 25.93 -35.18 7.53
C PHE B 239 27.34 -35.75 7.47
N GLY B 240 28.04 -35.73 8.61
CA GLY B 240 29.44 -36.09 8.63
C GLY B 240 29.79 -37.37 9.38
N ALA B 241 28.78 -38.17 9.73
CA ALA B 241 28.90 -39.44 10.43
C ALA B 241 29.38 -39.31 11.87
N GLY B 242 29.70 -38.11 12.34
CA GLY B 242 29.94 -37.87 13.74
C GLY B 242 31.35 -38.16 14.21
N THR B 243 31.71 -37.54 15.33
CA THR B 243 32.99 -37.78 16.01
C THR B 243 32.68 -37.97 17.49
N LYS B 244 32.51 -39.22 17.92
CA LYS B 244 32.18 -39.50 19.30
C LYS B 244 33.34 -39.10 20.22
N LEU B 245 33.02 -38.39 21.30
CA LEU B 245 34.02 -37.99 22.28
C LEU B 245 34.34 -39.13 23.25
N SER C 18 -1.93 40.89 44.16
CA SER C 18 -1.76 40.76 42.72
C SER C 18 -0.42 40.12 42.39
N GLU C 19 -0.16 38.96 43.00
CA GLU C 19 1.09 38.25 42.75
C GLU C 19 1.16 37.67 41.34
N LEU C 20 0.01 37.43 40.70
CA LEU C 20 0.02 36.91 39.33
C LEU C 20 0.64 37.91 38.37
N ASP C 21 0.28 39.19 38.51
CA ASP C 21 0.87 40.22 37.66
C ASP C 21 2.36 40.39 37.95
N GLN C 22 2.75 40.33 39.22
CA GLN C 22 4.16 40.45 39.56
C GLN C 22 4.96 39.27 39.01
N LEU C 23 4.43 38.05 39.11
CA LEU C 23 5.11 36.89 38.57
C LEU C 23 5.22 36.97 37.05
N ARG C 24 4.15 37.43 36.39
CA ARG C 24 4.20 37.57 34.93
C ARG C 24 5.24 38.60 34.50
N GLN C 25 5.33 39.71 35.22
CA GLN C 25 6.33 40.72 34.90
C GLN C 25 7.74 40.18 35.13
N GLU C 26 7.93 39.40 36.20
CA GLU C 26 9.25 38.84 36.47
C GLU C 26 9.68 37.88 35.37
N ALA C 27 8.76 37.06 34.87
CA ALA C 27 9.10 36.12 33.82
C ALA C 27 9.52 36.83 32.55
N GLU C 28 8.81 37.91 32.19
CA GLU C 28 9.18 38.66 31.00
C GLU C 28 10.57 39.29 31.14
N GLN C 29 10.85 39.86 32.31
CA GLN C 29 12.18 40.41 32.56
C GLN C 29 13.24 39.31 32.56
N LEU C 30 12.93 38.16 33.16
CA LEU C 30 13.87 37.04 33.15
C LEU C 30 14.10 36.52 31.74
N LYS C 31 13.04 36.46 30.94
CA LYS C 31 13.19 36.03 29.54
C LYS C 31 14.05 37.02 28.76
N ASN C 32 13.97 38.31 29.08
CA ASN C 32 14.81 39.29 28.42
C ASN C 32 16.29 39.06 28.75
N GLN C 33 16.58 38.67 29.99
CA GLN C 33 17.97 38.39 30.37
C GLN C 33 18.51 37.21 29.58
N ILE C 34 17.70 36.16 29.40
CA ILE C 34 18.13 35.01 28.60
C ILE C 34 18.35 35.45 27.15
N ARG C 35 17.44 36.25 26.60
CA ARG C 35 17.60 36.73 25.24
C ARG C 35 18.82 37.64 25.11
N ASP C 36 19.10 38.44 26.15
CA ASP C 36 20.27 39.31 26.13
C ASP C 36 21.56 38.49 26.05
N ALA C 37 21.63 37.41 26.82
CA ALA C 37 22.82 36.56 26.80
C ALA C 37 22.94 35.80 25.48
N ARG C 38 21.82 35.58 24.78
CA ARG C 38 21.87 34.82 23.54
C ARG C 38 22.60 35.58 22.44
N LYS C 39 22.28 36.85 22.26
CA LYS C 39 22.92 37.64 21.21
C LYS C 39 24.35 38.05 21.59
N ALA C 40 24.68 38.08 22.88
CA ALA C 40 26.04 38.43 23.29
C ALA C 40 27.04 37.40 22.78
N CYS C 41 26.69 36.11 22.85
CA CYS C 41 27.58 35.06 22.39
C CYS C 41 27.56 34.88 20.89
N ALA C 42 26.65 35.55 20.17
CA ALA C 42 26.56 35.44 18.73
C ALA C 42 27.66 36.29 18.09
N ASP C 43 28.90 35.79 18.22
CA ASP C 43 30.04 36.51 17.66
C ASP C 43 29.98 36.55 16.14
N ALA C 44 29.58 35.44 15.51
CA ALA C 44 29.49 35.37 14.06
C ALA C 44 28.34 34.44 13.70
N THR C 45 28.28 34.03 12.43
CA THR C 45 27.24 33.15 11.94
C THR C 45 27.87 31.95 11.25
N LEU C 46 27.09 30.87 11.15
CA LEU C 46 27.57 29.66 10.51
C LEU C 46 27.90 29.89 9.04
N SER C 47 27.05 30.65 8.34
CA SER C 47 27.31 30.94 6.93
C SER C 47 28.59 31.74 6.75
N GLN C 48 28.82 32.72 7.63
CA GLN C 48 30.04 33.53 7.54
C GLN C 48 31.28 32.68 7.79
N ILE C 49 31.24 31.80 8.79
CA ILE C 49 32.40 30.99 9.12
C ILE C 49 32.68 29.95 8.03
N THR C 50 31.63 29.30 7.53
CA THR C 50 31.77 28.26 6.52
C THR C 50 31.58 28.80 5.11
N ASN C 51 31.90 30.06 4.86
CA ASN C 51 31.85 30.59 3.50
C ASN C 51 33.05 30.15 2.67
N ASN C 52 34.19 29.92 3.32
CA ASN C 52 35.41 29.58 2.59
C ASN C 52 35.42 28.14 2.10
N ILE C 53 34.56 27.29 2.66
CA ILE C 53 34.59 25.87 2.34
C ILE C 53 34.01 25.63 0.96
N ASP C 54 34.54 24.63 0.25
CA ASP C 54 34.03 24.30 -1.07
C ASP C 54 32.68 23.59 -0.96
N PRO C 55 31.78 23.84 -1.90
CA PRO C 55 30.48 23.16 -1.89
C PRO C 55 30.63 21.67 -2.16
N VAL C 56 29.65 20.90 -1.66
CA VAL C 56 29.65 19.46 -1.88
C VAL C 56 29.35 19.10 -3.32
N GLY C 57 28.83 20.04 -4.10
CA GLY C 57 28.48 19.77 -5.48
C GLY C 57 27.11 19.11 -5.60
N ARG C 58 26.62 19.06 -6.84
CA ARG C 58 25.33 18.43 -7.11
C ARG C 58 25.39 16.96 -6.77
N ILE C 59 24.34 16.47 -6.10
CA ILE C 59 24.25 15.09 -5.65
C ILE C 59 23.05 14.45 -6.33
N GLN C 60 23.28 13.35 -7.04
CA GLN C 60 22.23 12.61 -7.72
C GLN C 60 22.11 11.24 -7.07
N MET C 61 20.94 10.93 -6.53
CA MET C 61 20.65 9.64 -5.93
C MET C 61 19.64 8.90 -6.78
N ARG C 62 19.97 7.66 -7.14
CA ARG C 62 19.09 6.83 -7.95
C ARG C 62 18.36 5.83 -7.05
N THR C 63 17.12 5.53 -7.42
CA THR C 63 16.31 4.59 -6.66
C THR C 63 16.90 3.19 -6.81
N ARG C 64 17.62 2.74 -5.79
CA ARG C 64 18.25 1.43 -5.83
C ARG C 64 17.29 0.30 -5.50
N ARG C 65 16.12 0.60 -4.94
CA ARG C 65 15.18 -0.43 -4.55
C ARG C 65 13.82 0.19 -4.31
N THR C 66 12.77 -0.63 -4.47
CA THR C 66 11.40 -0.21 -4.19
C THR C 66 10.69 -1.36 -3.50
N LEU C 67 10.11 -1.07 -2.34
CA LEU C 67 9.46 -2.08 -1.51
C LEU C 67 7.95 -1.90 -1.61
N ARG C 68 7.26 -2.94 -2.07
CA ARG C 68 5.82 -2.91 -2.27
C ARG C 68 5.15 -3.96 -1.39
N GLY C 69 3.90 -3.71 -1.05
CA GLY C 69 3.14 -4.62 -0.20
C GLY C 69 2.20 -3.91 0.74
N HIS C 70 2.45 -2.63 0.99
CA HIS C 70 1.56 -1.82 1.81
C HIS C 70 0.38 -1.34 0.97
N LEU C 71 -0.80 -1.33 1.60
CA LEU C 71 -2.03 -0.94 0.90
C LEU C 71 -2.66 0.30 1.50
N ALA C 72 -1.87 1.15 2.16
CA ALA C 72 -2.37 2.39 2.74
C ALA C 72 -1.19 3.32 2.95
N LYS C 73 -1.47 4.52 3.44
CA LYS C 73 -0.43 5.51 3.66
C LYS C 73 0.59 5.01 4.68
N ILE C 74 1.86 5.26 4.42
CA ILE C 74 2.95 4.87 5.30
C ILE C 74 3.30 6.08 6.16
N TYR C 75 3.24 5.91 7.48
CA TYR C 75 3.39 7.02 8.40
C TYR C 75 4.75 7.09 9.10
N ALA C 76 5.45 5.97 9.24
CA ALA C 76 6.74 5.99 9.89
C ALA C 76 7.54 4.74 9.53
N MET C 77 8.86 4.87 9.60
CA MET C 77 9.75 3.73 9.43
C MET C 77 11.00 3.96 10.26
N HIS C 78 11.71 2.88 10.56
CA HIS C 78 12.93 2.98 11.34
C HIS C 78 13.92 1.92 10.85
N TRP C 79 15.16 2.36 10.62
CA TRP C 79 16.20 1.45 10.17
C TRP C 79 16.69 0.59 11.32
N GLY C 80 17.03 -0.66 11.00
CA GLY C 80 17.66 -1.52 11.98
C GLY C 80 19.10 -1.11 12.26
N THR C 81 19.60 -1.56 13.40
CA THR C 81 20.96 -1.20 13.80
C THR C 81 22.01 -1.85 12.92
N ASP C 82 21.66 -2.94 12.22
CA ASP C 82 22.58 -3.61 11.32
C ASP C 82 22.59 -3.00 9.93
N SER C 83 21.77 -1.97 9.68
CA SER C 83 21.66 -1.29 8.40
C SER C 83 21.19 -2.21 7.29
N ARG C 84 20.48 -3.28 7.63
CA ARG C 84 19.94 -4.20 6.64
C ARG C 84 18.43 -4.36 6.76
N LEU C 85 17.90 -4.43 7.97
CA LEU C 85 16.48 -4.58 8.20
C LEU C 85 15.85 -3.22 8.53
N LEU C 86 14.60 -3.06 8.13
CA LEU C 86 13.85 -1.86 8.46
C LEU C 86 12.39 -2.23 8.66
N VAL C 87 11.73 -1.51 9.57
CA VAL C 87 10.33 -1.74 9.90
C VAL C 87 9.53 -0.54 9.41
N SER C 88 8.41 -0.81 8.76
CA SER C 88 7.54 0.23 8.22
C SER C 88 6.15 0.08 8.80
N ALA C 89 5.55 1.20 9.16
CA ALA C 89 4.21 1.23 9.73
C ALA C 89 3.25 1.90 8.76
N SER C 90 2.06 1.33 8.63
CA SER C 90 1.05 1.83 7.71
C SER C 90 -0.31 1.79 8.38
N GLN C 91 -1.28 2.45 7.76
CA GLN C 91 -2.60 2.62 8.33
C GLN C 91 -3.58 1.52 7.94
N ASP C 92 -3.11 0.48 7.24
CA ASP C 92 -3.95 -0.68 7.00
C ASP C 92 -3.87 -1.71 8.12
N GLY C 93 -3.13 -1.40 9.18
CA GLY C 93 -3.02 -2.28 10.33
C GLY C 93 -1.89 -3.28 10.30
N LYS C 94 -0.90 -3.09 9.42
CA LYS C 94 0.19 -4.04 9.25
C LYS C 94 1.51 -3.37 9.57
N LEU C 95 2.33 -4.05 10.36
CA LEU C 95 3.72 -3.68 10.59
C LEU C 95 4.59 -4.69 9.84
N ILE C 96 5.40 -4.22 8.91
CA ILE C 96 6.15 -5.08 8.01
C ILE C 96 7.64 -4.83 8.21
N ILE C 97 8.40 -5.90 8.34
CA ILE C 97 9.85 -5.84 8.46
C ILE C 97 10.44 -6.26 7.11
N TRP C 98 11.24 -5.38 6.52
CA TRP C 98 11.80 -5.60 5.20
C TRP C 98 13.25 -6.03 5.27
N ASP C 99 13.63 -6.91 4.36
CA ASP C 99 15.04 -7.17 4.07
C ASP C 99 15.44 -6.22 2.95
N SER C 100 16.09 -5.12 3.32
CA SER C 100 16.34 -4.04 2.37
C SER C 100 17.31 -4.42 1.26
N TYR C 101 18.00 -5.56 1.39
CA TYR C 101 18.92 -5.99 0.33
C TYR C 101 18.21 -6.75 -0.78
N THR C 102 17.20 -7.56 -0.44
CA THR C 102 16.53 -8.42 -1.40
C THR C 102 15.02 -8.21 -1.42
N THR C 103 14.54 -7.11 -0.84
CA THR C 103 13.11 -6.76 -0.80
C THR C 103 12.26 -7.83 -0.10
N ASN C 104 12.90 -8.73 0.64
CA ASN C 104 12.17 -9.82 1.28
C ASN C 104 11.42 -9.32 2.51
N LYS C 105 10.27 -9.92 2.77
CA LYS C 105 9.45 -9.58 3.93
C LYS C 105 9.75 -10.59 5.03
N VAL C 106 10.54 -10.18 6.02
CA VAL C 106 10.88 -11.09 7.12
C VAL C 106 9.67 -11.35 8.00
N HIS C 107 8.89 -10.30 8.29
CA HIS C 107 7.75 -10.42 9.19
C HIS C 107 6.61 -9.54 8.70
N ALA C 108 5.41 -9.86 9.16
CA ALA C 108 4.23 -9.04 8.93
C ALA C 108 3.36 -9.13 10.18
N ILE C 109 3.29 -8.03 10.92
CA ILE C 109 2.66 -7.99 12.24
C ILE C 109 1.30 -7.32 12.11
N PRO C 110 0.19 -8.02 12.40
CA PRO C 110 -1.13 -7.36 12.37
C PRO C 110 -1.38 -6.63 13.68
N LEU C 111 -1.69 -5.35 13.59
CA LEU C 111 -1.88 -4.51 14.76
C LEU C 111 -3.34 -4.52 15.20
N ARG C 112 -3.53 -4.33 16.51
CA ARG C 112 -4.89 -4.24 17.05
C ARG C 112 -5.62 -3.01 16.52
N SER C 113 -4.93 -1.88 16.45
CA SER C 113 -5.49 -0.63 15.94
C SER C 113 -4.72 -0.20 14.70
N SER C 114 -5.44 0.11 13.63
CA SER C 114 -4.82 0.52 12.38
C SER C 114 -4.35 1.98 12.39
N TRP C 115 -4.72 2.75 13.40
CA TRP C 115 -4.36 4.16 13.47
C TRP C 115 -3.03 4.29 14.22
N VAL C 116 -1.95 3.96 13.52
CA VAL C 116 -0.60 4.04 14.07
C VAL C 116 0.17 5.15 13.36
N MET C 117 0.85 5.97 14.15
CA MET C 117 1.58 7.11 13.63
C MET C 117 3.08 7.03 13.85
N THR C 118 3.59 5.93 14.43
CA THR C 118 5.02 5.82 14.68
C THR C 118 5.40 4.35 14.76
N CYS C 119 6.70 4.10 14.58
CA CYS C 119 7.26 2.76 14.67
C CYS C 119 8.73 2.90 15.05
N ALA C 120 9.20 1.98 15.89
CA ALA C 120 10.58 2.01 16.36
C ALA C 120 11.18 0.62 16.31
N TYR C 121 12.50 0.57 16.16
CA TYR C 121 13.26 -0.67 16.12
C TYR C 121 14.23 -0.68 17.29
N ALA C 122 14.19 -1.73 18.09
CA ALA C 122 15.07 -1.82 19.24
C ALA C 122 16.52 -1.91 18.77
N PRO C 123 17.45 -1.27 19.47
CA PRO C 123 18.87 -1.37 19.08
C PRO C 123 19.39 -2.80 19.09
N SER C 124 18.92 -3.62 20.04
CA SER C 124 19.29 -5.03 20.04
C SER C 124 18.70 -5.74 18.82
N GLY C 125 17.47 -5.39 18.46
CA GLY C 125 16.81 -6.00 17.32
C GLY C 125 15.75 -7.02 17.68
N ASN C 126 15.59 -7.35 18.96
CA ASN C 126 14.59 -8.33 19.38
C ASN C 126 13.20 -7.75 19.59
N TYR C 127 13.05 -6.43 19.51
CA TYR C 127 11.77 -5.80 19.77
C TYR C 127 11.49 -4.72 18.74
N VAL C 128 10.20 -4.48 18.50
CA VAL C 128 9.73 -3.32 17.76
C VAL C 128 8.58 -2.70 18.56
N ALA C 129 8.32 -1.42 18.30
CA ALA C 129 7.28 -0.69 18.99
C ALA C 129 6.44 0.09 17.99
N CYS C 130 5.17 0.28 18.32
CA CYS C 130 4.26 1.08 17.50
C CYS C 130 3.18 1.66 18.39
N GLY C 131 2.60 2.78 17.95
CA GLY C 131 1.56 3.43 18.70
C GLY C 131 0.87 4.47 17.84
N GLY C 132 -0.24 4.98 18.36
CA GLY C 132 -1.01 5.96 17.61
C GLY C 132 -2.23 6.50 18.33
N LEU C 133 -3.36 6.57 17.62
CA LEU C 133 -4.56 7.20 18.15
C LEU C 133 -5.19 6.44 19.31
N ASP C 134 -4.75 5.22 19.57
CA ASP C 134 -5.26 4.45 20.71
C ASP C 134 -4.56 4.81 22.02
N ASN C 135 -3.59 5.73 21.98
CA ASN C 135 -2.88 6.22 23.16
C ASN C 135 -2.09 5.12 23.87
N ILE C 136 -1.74 4.06 23.15
CA ILE C 136 -1.05 2.91 23.73
C ILE C 136 0.15 2.57 22.86
N CYS C 137 1.31 2.41 23.49
CA CYS C 137 2.52 1.95 22.82
C CYS C 137 2.68 0.46 23.09
N SER C 138 2.79 -0.33 22.02
CA SER C 138 2.87 -1.78 22.12
C SER C 138 4.25 -2.25 21.69
N ILE C 139 4.83 -3.17 22.46
CA ILE C 139 6.15 -3.73 22.19
C ILE C 139 5.95 -5.16 21.71
N TYR C 140 6.57 -5.49 20.58
CA TYR C 140 6.44 -6.81 19.97
C TYR C 140 7.76 -7.56 20.06
N ASN C 141 7.70 -8.84 20.42
CA ASN C 141 8.88 -9.67 20.56
C ASN C 141 9.20 -10.32 19.22
N LEU C 142 10.35 -9.97 18.65
CA LEU C 142 10.77 -10.55 17.38
C LEU C 142 11.53 -11.86 17.55
N LYS C 143 12.14 -12.08 18.72
CA LYS C 143 12.90 -13.31 18.95
C LYS C 143 12.00 -14.53 18.82
N THR C 144 10.89 -14.54 19.55
CA THR C 144 9.85 -15.57 19.42
C THR C 144 10.45 -16.97 19.53
N ARG C 145 10.94 -17.27 20.74
CA ARG C 145 11.64 -18.53 20.98
C ARG C 145 10.80 -19.74 20.62
N GLU C 146 9.47 -19.61 20.62
CA GLU C 146 8.61 -20.72 20.23
C GLU C 146 7.37 -20.12 19.56
N GLY C 147 7.40 -20.05 18.22
CA GLY C 147 6.27 -19.59 17.45
C GLY C 147 6.64 -18.40 16.57
N ASN C 148 5.72 -17.43 16.49
CA ASN C 148 5.86 -16.24 15.66
C ASN C 148 5.87 -15.00 16.55
N VAL C 149 5.86 -13.83 15.90
CA VAL C 149 5.94 -12.56 16.62
C VAL C 149 4.66 -12.34 17.40
N ARG C 150 4.81 -12.02 18.68
CA ARG C 150 3.67 -11.77 19.57
C ARG C 150 3.95 -10.52 20.39
N VAL C 151 2.87 -9.85 20.81
CA VAL C 151 3.00 -8.62 21.59
C VAL C 151 3.58 -8.96 22.97
N SER C 152 4.29 -8.00 23.55
CA SER C 152 4.95 -8.18 24.85
C SER C 152 4.35 -7.29 25.93
N ARG C 153 4.20 -6.00 25.67
CA ARG C 153 3.69 -5.07 26.67
C ARG C 153 2.92 -3.96 25.97
N GLU C 154 1.85 -3.51 26.61
CA GLU C 154 1.07 -2.37 26.15
C GLU C 154 1.24 -1.25 27.17
N LEU C 155 2.03 -0.24 26.82
CA LEU C 155 2.37 0.84 27.74
C LEU C 155 1.29 1.91 27.66
N ALA C 156 0.26 1.75 28.48
CA ALA C 156 -0.85 2.68 28.56
C ALA C 156 -0.63 3.67 29.70
N GLY C 157 -1.25 4.83 29.58
CA GLY C 157 -1.12 5.88 30.58
C GLY C 157 -1.11 7.27 29.98
N HIS C 158 -0.81 7.37 28.68
CA HIS C 158 -0.87 8.65 28.00
C HIS C 158 -2.32 9.09 27.80
N THR C 159 -2.50 10.39 27.62
CA THR C 159 -3.82 10.97 27.43
C THR C 159 -4.14 11.29 25.98
N GLY C 160 -3.13 11.65 25.18
CA GLY C 160 -3.31 11.97 23.79
C GLY C 160 -2.69 10.92 22.88
N TYR C 161 -2.77 11.19 21.58
CA TYR C 161 -2.23 10.28 20.58
C TYR C 161 -0.72 10.18 20.71
N LEU C 162 -0.18 8.99 20.46
CA LEU C 162 1.26 8.77 20.46
C LEU C 162 1.83 9.27 19.14
N SER C 163 2.81 10.17 19.22
CA SER C 163 3.40 10.77 18.04
C SER C 163 4.80 10.25 17.73
N CYS C 164 5.54 9.78 18.74
CA CYS C 164 6.87 9.25 18.50
C CYS C 164 7.24 8.33 19.67
N CYS C 165 8.19 7.45 19.41
CA CYS C 165 8.70 6.54 20.42
C CYS C 165 10.08 6.05 19.98
N ARG C 166 11.01 6.02 20.94
CA ARG C 166 12.39 5.63 20.64
C ARG C 166 12.91 4.74 21.76
N PHE C 167 13.59 3.66 21.38
CA PHE C 167 14.13 2.72 22.35
C PHE C 167 15.44 3.24 22.92
N LEU C 168 15.54 3.31 24.26
CA LEU C 168 16.82 3.57 24.89
C LEU C 168 17.65 2.30 25.01
N ASP C 169 16.99 1.19 25.34
CA ASP C 169 17.64 -0.10 25.49
C ASP C 169 16.55 -1.16 25.32
N ASP C 170 16.87 -2.40 25.70
CA ASP C 170 15.87 -3.46 25.64
C ASP C 170 14.81 -3.34 26.72
N ASN C 171 14.99 -2.44 27.70
CA ASN C 171 14.04 -2.30 28.79
C ASN C 171 13.59 -0.87 29.04
N GLN C 172 14.01 0.09 28.23
CA GLN C 172 13.62 1.48 28.41
C GLN C 172 13.23 2.09 27.07
N ILE C 173 12.12 2.82 27.05
CA ILE C 173 11.62 3.48 25.86
C ILE C 173 11.09 4.85 26.25
N VAL C 174 11.32 5.84 25.39
CA VAL C 174 10.82 7.20 25.59
C VAL C 174 9.72 7.46 24.57
N THR C 175 8.55 7.88 25.06
CA THR C 175 7.39 8.11 24.22
C THR C 175 6.87 9.53 24.43
N SER C 176 6.64 10.23 23.33
CA SER C 176 6.02 11.54 23.35
C SER C 176 4.62 11.46 22.75
N SER C 177 3.66 12.11 23.40
CA SER C 177 2.27 12.01 22.99
C SER C 177 1.73 13.41 22.71
N GLY C 178 0.46 13.47 22.34
CA GLY C 178 -0.22 14.72 22.09
C GLY C 178 -0.76 15.42 23.31
N ASP C 179 -0.53 14.87 24.50
CA ASP C 179 -0.94 15.50 25.74
C ASP C 179 0.10 16.46 26.29
N THR C 180 1.00 16.94 25.44
CA THR C 180 2.04 17.93 25.75
C THR C 180 3.11 17.40 26.70
N THR C 181 3.09 16.12 27.04
CA THR C 181 4.08 15.55 27.95
C THR C 181 4.72 14.31 27.35
N CYS C 182 6.03 14.23 27.45
CA CYS C 182 6.76 13.01 27.11
C CYS C 182 6.77 12.07 28.31
N ALA C 183 7.45 10.93 28.16
CA ALA C 183 7.53 9.98 29.26
C ALA C 183 8.72 9.05 29.02
N LEU C 184 9.14 8.38 30.09
CA LEU C 184 10.15 7.33 30.03
C LEU C 184 9.57 6.10 30.72
N TRP C 185 9.51 4.99 30.00
CA TRP C 185 8.81 3.80 30.47
C TRP C 185 9.80 2.73 30.90
N ASP C 186 9.25 1.69 31.54
CA ASP C 186 9.98 0.50 31.92
C ASP C 186 9.20 -0.69 31.39
N ILE C 187 9.78 -1.42 30.43
CA ILE C 187 9.04 -2.46 29.72
C ILE C 187 8.67 -3.60 30.66
N GLU C 188 9.53 -3.91 31.62
CA GLU C 188 9.28 -5.04 32.51
C GLU C 188 8.01 -4.85 33.33
N THR C 189 7.83 -3.65 33.88
CA THR C 189 6.68 -3.37 34.73
C THR C 189 5.58 -2.59 34.04
N GLY C 190 5.89 -1.86 32.97
CA GLY C 190 4.88 -1.07 32.29
C GLY C 190 4.47 0.19 33.02
N GLN C 191 5.41 0.81 33.75
CA GLN C 191 5.12 2.01 34.52
C GLN C 191 6.00 3.16 34.04
N GLN C 192 5.45 4.37 34.09
CA GLN C 192 6.18 5.56 33.70
C GLN C 192 7.25 5.86 34.74
N THR C 193 8.50 5.56 34.41
CA THR C 193 9.59 5.85 35.33
C THR C 193 9.74 7.35 35.57
N THR C 194 9.69 8.15 34.50
CA THR C 194 9.79 9.59 34.60
C THR C 194 8.84 10.22 33.59
N THR C 195 8.19 11.30 33.99
CA THR C 195 7.30 12.06 33.13
C THR C 195 7.86 13.46 32.92
N PHE C 196 7.97 13.87 31.66
CA PHE C 196 8.54 15.17 31.31
C PHE C 196 7.42 16.12 30.95
N THR C 197 7.38 17.27 31.63
CA THR C 197 6.36 18.28 31.40
C THR C 197 7.02 19.63 31.16
N GLY C 198 6.29 20.51 30.48
CA GLY C 198 6.79 21.84 30.19
C GLY C 198 6.37 22.36 28.84
N HIS C 199 5.96 21.46 27.94
CA HIS C 199 5.47 21.88 26.64
C HIS C 199 4.06 22.44 26.75
N THR C 200 3.76 23.43 25.92
CA THR C 200 2.43 24.03 25.87
C THR C 200 1.57 23.49 24.75
N GLY C 201 2.15 22.77 23.80
CA GLY C 201 1.42 22.16 22.71
C GLY C 201 1.76 20.69 22.56
N ASP C 202 1.09 20.06 21.60
CA ASP C 202 1.30 18.63 21.36
C ASP C 202 2.73 18.37 20.92
N VAL C 203 3.34 17.35 21.51
CA VAL C 203 4.68 16.94 21.12
C VAL C 203 4.58 16.03 19.90
N MET C 204 5.22 16.43 18.81
CA MET C 204 5.06 15.72 17.55
C MET C 204 6.22 14.81 17.18
N SER C 205 7.38 14.96 17.83
CA SER C 205 8.53 14.13 17.51
C SER C 205 9.55 14.24 18.63
N LEU C 206 10.53 13.34 18.60
CA LEU C 206 11.66 13.39 19.52
C LEU C 206 12.85 12.70 18.86
N SER C 207 14.03 12.97 19.40
CA SER C 207 15.25 12.36 18.88
C SER C 207 16.22 12.13 20.03
N LEU C 208 16.61 10.87 20.24
CA LEU C 208 17.54 10.55 21.30
C LEU C 208 18.96 10.98 20.93
N ALA C 209 19.74 11.31 21.96
CA ALA C 209 21.13 11.66 21.74
C ALA C 209 21.94 10.41 21.38
N PRO C 210 23.07 10.59 20.67
CA PRO C 210 23.92 9.42 20.39
C PRO C 210 24.42 8.72 21.63
N ASP C 211 24.69 9.46 22.71
CA ASP C 211 25.10 8.87 23.97
C ASP C 211 23.93 8.39 24.82
N THR C 212 22.70 8.59 24.35
CA THR C 212 21.50 8.09 25.02
C THR C 212 21.40 8.61 26.45
N ARG C 213 21.72 9.88 26.64
CA ARG C 213 21.58 10.55 27.93
C ARG C 213 20.63 11.74 27.90
N LEU C 214 20.49 12.39 26.75
CA LEU C 214 19.56 13.50 26.58
C LEU C 214 18.70 13.25 25.34
N PHE C 215 17.70 14.10 25.14
CA PHE C 215 16.92 14.06 23.92
C PHE C 215 16.20 15.39 23.77
N VAL C 216 15.74 15.67 22.54
CA VAL C 216 15.04 16.89 22.23
C VAL C 216 13.66 16.53 21.69
N SER C 217 12.67 17.34 22.05
CA SER C 217 11.29 17.10 21.62
C SER C 217 10.75 18.35 20.94
N GLY C 218 10.17 18.16 19.75
CA GLY C 218 9.54 19.25 19.03
C GLY C 218 8.05 19.24 19.27
N ALA C 219 7.52 20.42 19.57
CA ALA C 219 6.11 20.58 19.92
C ALA C 219 5.40 21.46 18.89
N CYS C 220 4.08 21.57 19.07
CA CYS C 220 3.27 22.40 18.20
C CYS C 220 3.32 23.88 18.57
N ASP C 221 3.99 24.24 19.66
CA ASP C 221 4.14 25.63 20.06
C ASP C 221 5.38 26.29 19.48
N ALA C 222 5.97 25.69 18.43
CA ALA C 222 7.18 26.22 17.79
C ALA C 222 8.32 26.37 18.79
N SER C 223 8.57 25.31 19.56
CA SER C 223 9.65 25.30 20.53
C SER C 223 10.16 23.88 20.72
N ALA C 224 11.48 23.74 20.80
CA ALA C 224 12.13 22.46 21.05
C ALA C 224 12.84 22.52 22.39
N LYS C 225 12.60 21.53 23.24
CA LYS C 225 13.13 21.50 24.60
C LYS C 225 14.10 20.34 24.74
N LEU C 226 15.28 20.60 25.28
CA LEU C 226 16.28 19.57 25.55
C LEU C 226 16.07 19.02 26.95
N TRP C 227 15.78 17.73 27.03
CA TRP C 227 15.50 17.07 28.31
C TRP C 227 16.72 16.29 28.79
N ASP C 228 16.60 15.77 30.01
CA ASP C 228 17.59 14.87 30.59
C ASP C 228 16.89 13.61 31.04
N VAL C 229 17.34 12.46 30.55
CA VAL C 229 16.66 11.20 30.85
C VAL C 229 16.77 10.86 32.33
N ARG C 230 17.95 11.03 32.92
CA ARG C 230 18.16 10.62 34.30
C ARG C 230 17.46 11.57 35.27
N GLU C 231 17.85 12.85 35.26
CA GLU C 231 17.28 13.81 36.20
C GLU C 231 15.80 14.03 35.96
N GLY C 232 15.39 14.12 34.69
CA GLY C 232 13.99 14.31 34.37
C GLY C 232 13.53 15.74 34.30
N MET C 233 14.45 16.70 34.16
CA MET C 233 14.11 18.11 34.08
C MET C 233 14.67 18.71 32.79
N CYS C 234 13.87 19.55 32.15
CA CYS C 234 14.30 20.23 30.93
C CYS C 234 15.50 21.11 31.21
N ARG C 235 16.51 21.01 30.35
CA ARG C 235 17.75 21.77 30.52
C ARG C 235 17.78 23.06 29.73
N GLN C 236 17.36 23.03 28.46
CA GLN C 236 17.36 24.20 27.61
C GLN C 236 16.09 24.23 26.79
N THR C 237 15.73 25.42 26.32
CA THR C 237 14.61 25.59 25.40
C THR C 237 15.10 26.37 24.19
N PHE C 238 14.47 26.10 23.04
CA PHE C 238 14.88 26.71 21.78
C PHE C 238 13.65 27.25 21.06
N THR C 239 13.76 28.48 20.58
CA THR C 239 12.70 29.13 19.83
C THR C 239 13.27 29.69 18.53
N GLY C 240 12.38 30.05 17.62
CA GLY C 240 12.79 30.59 16.33
C GLY C 240 11.89 30.13 15.21
N HIS C 241 11.01 29.17 15.48
CA HIS C 241 10.04 28.71 14.50
C HIS C 241 8.74 29.49 14.64
N GLU C 242 7.95 29.48 13.57
CA GLU C 242 6.70 30.22 13.52
C GLU C 242 5.48 29.32 13.43
N SER C 243 5.67 28.01 13.33
CA SER C 243 4.56 27.08 13.20
C SER C 243 4.92 25.78 13.92
N ASP C 244 4.08 24.76 13.75
CA ASP C 244 4.27 23.49 14.43
C ASP C 244 5.53 22.80 13.94
N ILE C 245 6.31 22.26 14.88
CA ILE C 245 7.50 21.49 14.54
C ILE C 245 7.07 20.05 14.28
N ASN C 246 7.24 19.59 13.05
CA ASN C 246 6.74 18.28 12.64
C ASN C 246 7.75 17.16 12.86
N ALA C 247 9.05 17.45 12.82
CA ALA C 247 10.05 16.42 12.96
C ALA C 247 11.34 17.03 13.50
N ILE C 248 12.05 16.24 14.30
CA ILE C 248 13.32 16.64 14.89
C ILE C 248 14.32 15.51 14.72
N CYS C 249 15.60 15.87 14.74
CA CYS C 249 16.67 14.88 14.64
C CYS C 249 17.95 15.47 15.20
N PHE C 250 18.81 14.59 15.72
CA PHE C 250 20.08 15.01 16.31
C PHE C 250 21.21 15.01 15.28
N PHE C 251 22.08 16.00 15.39
CA PHE C 251 23.34 15.97 14.68
C PHE C 251 24.17 14.79 15.18
N PRO C 252 24.91 14.11 14.30
CA PRO C 252 25.69 12.94 14.75
C PRO C 252 26.70 13.26 15.84
N ASN C 253 27.23 14.48 15.87
CA ASN C 253 28.14 14.86 16.95
C ASN C 253 27.44 14.84 18.30
N GLY C 254 26.19 15.28 18.34
CA GLY C 254 25.44 15.36 19.58
C GLY C 254 25.35 16.73 20.19
N ASN C 255 26.01 17.74 19.60
CA ASN C 255 25.96 19.11 20.10
C ASN C 255 25.12 20.01 19.21
N ALA C 256 24.24 19.43 18.40
CA ALA C 256 23.36 20.21 17.54
C ALA C 256 22.17 19.33 17.14
N PHE C 257 21.15 19.97 16.61
CA PHE C 257 19.99 19.25 16.08
C PHE C 257 19.27 20.14 15.10
N ALA C 258 18.48 19.52 14.23
CA ALA C 258 17.74 20.21 13.18
C ALA C 258 16.26 19.95 13.35
N THR C 259 15.45 20.99 13.09
CA THR C 259 14.02 20.94 13.26
C THR C 259 13.33 21.21 11.93
N GLY C 260 12.21 20.54 11.70
CA GLY C 260 11.41 20.81 10.52
C GLY C 260 10.00 21.23 10.88
N SER C 261 9.65 22.48 10.58
CA SER C 261 8.39 23.05 10.99
C SER C 261 7.40 23.07 9.82
N ASP C 262 6.20 23.57 10.10
CA ASP C 262 5.14 23.63 9.10
C ASP C 262 5.22 24.88 8.23
N ASP C 263 6.15 25.79 8.50
CA ASP C 263 6.34 26.97 7.66
C ASP C 263 7.40 26.77 6.59
N ALA C 264 7.65 25.52 6.19
CA ALA C 264 8.56 25.20 5.09
C ALA C 264 9.96 25.73 5.33
N THR C 265 10.43 25.64 6.58
CA THR C 265 11.79 26.06 6.90
C THR C 265 12.42 25.05 7.84
N CYS C 266 13.75 24.96 7.77
CA CYS C 266 14.54 24.10 8.63
C CYS C 266 15.54 24.96 9.39
N ARG C 267 15.80 24.59 10.64
CA ARG C 267 16.70 25.35 11.49
C ARG C 267 17.64 24.40 12.22
N LEU C 268 18.89 24.82 12.38
CA LEU C 268 19.92 24.03 13.04
C LEU C 268 20.28 24.73 14.35
N PHE C 269 19.80 24.18 15.47
CA PHE C 269 20.10 24.70 16.78
C PHE C 269 21.34 24.00 17.35
N ASP C 270 22.13 24.76 18.10
CA ASP C 270 23.35 24.26 18.70
C ASP C 270 23.19 24.22 20.22
N LEU C 271 23.51 23.07 20.82
CA LEU C 271 23.22 22.86 22.23
C LEU C 271 24.11 23.73 23.13
N ARG C 272 25.25 24.18 22.63
CA ARG C 272 26.17 24.96 23.47
C ARG C 272 25.98 26.46 23.29
N ALA C 273 25.67 26.91 22.07
CA ALA C 273 25.41 28.33 21.84
C ALA C 273 23.99 28.73 22.21
N ASP C 274 23.09 27.75 22.39
CA ASP C 274 21.71 28.01 22.83
C ASP C 274 20.97 28.94 21.88
N GLN C 275 21.23 28.81 20.58
CA GLN C 275 20.55 29.65 19.60
C GLN C 275 20.63 28.99 18.23
N GLU C 276 19.72 29.41 17.35
CA GLU C 276 19.70 28.91 15.98
C GLU C 276 20.93 29.39 15.23
N LEU C 277 21.54 28.48 14.47
CA LEU C 277 22.77 28.79 13.74
C LEU C 277 22.48 29.18 12.29
N MET C 278 21.80 28.31 11.55
CA MET C 278 21.49 28.57 10.14
C MET C 278 20.09 28.07 9.83
N THR C 279 19.51 28.63 8.78
CA THR C 279 18.18 28.24 8.32
C THR C 279 18.26 27.75 6.88
N TYR C 280 17.40 26.78 6.57
CA TYR C 280 17.37 26.12 5.26
C TYR C 280 16.00 26.36 4.65
N SER C 281 15.85 27.46 3.91
CA SER C 281 14.58 27.81 3.30
C SER C 281 14.80 28.27 1.87
N HIS C 282 13.78 28.08 1.04
CA HIS C 282 13.78 28.55 -0.33
C HIS C 282 12.42 29.14 -0.66
N ASP C 283 12.42 30.08 -1.61
CA ASP C 283 11.17 30.74 -1.99
C ASP C 283 10.25 29.82 -2.78
N ASN C 284 10.80 28.80 -3.45
CA ASN C 284 9.96 27.92 -4.25
C ASN C 284 9.13 26.98 -3.38
N ILE C 285 9.64 26.60 -2.22
CA ILE C 285 8.97 25.63 -1.36
C ILE C 285 8.13 26.37 -0.34
N ILE C 286 6.82 26.11 -0.34
CA ILE C 286 5.90 26.65 0.64
C ILE C 286 5.27 25.56 1.49
N CYS C 287 5.63 24.30 1.27
CA CYS C 287 5.03 23.17 1.97
C CYS C 287 5.91 22.75 3.14
N GLY C 288 5.26 22.39 4.25
CA GLY C 288 5.98 22.08 5.46
C GLY C 288 6.77 20.79 5.35
N ILE C 289 7.75 20.65 6.24
CA ILE C 289 8.62 19.49 6.28
C ILE C 289 8.00 18.45 7.21
N THR C 290 7.96 17.20 6.73
CA THR C 290 7.41 16.10 7.52
C THR C 290 8.46 15.24 8.20
N SER C 291 9.69 15.22 7.69
CA SER C 291 10.74 14.40 8.26
C SER C 291 12.10 14.98 7.90
N VAL C 292 13.04 14.89 8.85
CA VAL C 292 14.42 15.30 8.62
C VAL C 292 15.35 14.19 9.09
N SER C 293 16.57 14.21 8.54
CA SER C 293 17.60 13.25 8.92
C SER C 293 18.94 13.77 8.45
N PHE C 294 20.01 13.33 9.11
CA PHE C 294 21.37 13.69 8.76
C PHE C 294 22.07 12.50 8.12
N SER C 295 23.14 12.80 7.37
CA SER C 295 23.99 11.76 6.83
C SER C 295 24.93 11.25 7.91
N LYS C 296 25.77 10.28 7.57
CA LYS C 296 26.67 9.70 8.57
C LYS C 296 27.68 10.73 9.07
N SER C 297 28.21 11.55 8.17
CA SER C 297 29.16 12.59 8.57
C SER C 297 28.46 13.89 8.99
N GLY C 298 27.15 14.00 8.79
CA GLY C 298 26.42 15.19 9.15
C GLY C 298 26.50 16.33 8.17
N ARG C 299 27.13 16.13 7.01
CA ARG C 299 27.23 17.21 6.04
C ARG C 299 25.93 17.43 5.28
N LEU C 300 25.17 16.37 5.03
CA LEU C 300 23.93 16.46 4.27
C LEU C 300 22.75 16.40 5.23
N LEU C 301 21.79 17.30 5.02
CA LEU C 301 20.55 17.34 5.81
C LEU C 301 19.40 17.02 4.85
N LEU C 302 18.95 15.77 4.87
CA LEU C 302 17.84 15.35 4.03
C LEU C 302 16.52 15.66 4.73
N ALA C 303 15.61 16.30 4.00
CA ALA C 303 14.32 16.70 4.55
C ALA C 303 13.21 16.31 3.58
N GLY C 304 12.13 15.74 4.13
CA GLY C 304 10.98 15.36 3.34
C GLY C 304 9.90 16.41 3.43
N TYR C 305 9.39 16.82 2.28
CA TYR C 305 8.45 17.92 2.19
C TYR C 305 7.06 17.42 1.85
N ASP C 306 6.08 18.33 1.93
CA ASP C 306 4.70 18.03 1.62
C ASP C 306 4.39 18.10 0.13
N ASP C 307 5.32 18.61 -0.69
CA ASP C 307 5.10 18.77 -2.12
C ASP C 307 5.56 17.54 -2.92
N PHE C 308 5.53 16.37 -2.31
CA PHE C 308 5.67 15.05 -2.94
C PHE C 308 7.10 14.69 -3.30
N ASN C 309 8.12 15.32 -2.71
CA ASN C 309 9.49 14.92 -2.95
C ASN C 309 10.36 15.24 -1.75
N CYS C 310 11.50 14.57 -1.68
CA CYS C 310 12.49 14.79 -0.65
C CYS C 310 13.56 15.76 -1.16
N ASN C 311 14.22 16.42 -0.22
CA ASN C 311 15.23 17.42 -0.55
C ASN C 311 16.50 17.15 0.24
N VAL C 312 17.64 17.53 -0.35
CA VAL C 312 18.94 17.38 0.28
C VAL C 312 19.55 18.77 0.44
N TRP C 313 19.91 19.11 1.68
CA TRP C 313 20.46 20.41 2.00
C TRP C 313 21.91 20.26 2.46
N ASP C 314 22.76 21.19 2.03
CA ASP C 314 24.14 21.25 2.51
C ASP C 314 24.12 21.95 3.87
N ALA C 315 24.21 21.17 4.93
CA ALA C 315 24.01 21.69 6.28
C ALA C 315 25.07 22.73 6.66
N LEU C 316 26.24 22.71 6.03
CA LEU C 316 27.29 23.65 6.37
C LEU C 316 27.23 24.94 5.56
N LYS C 317 26.47 24.96 4.46
CA LYS C 317 26.35 26.15 3.63
C LYS C 317 24.91 26.58 3.38
N ALA C 318 23.92 25.77 3.78
CA ALA C 318 22.50 26.10 3.62
C ALA C 318 22.15 26.35 2.14
N ASP C 319 22.60 25.44 1.28
CA ASP C 319 22.32 25.52 -0.14
C ASP C 319 21.77 24.19 -0.61
N ARG C 320 20.73 24.25 -1.46
CA ARG C 320 20.14 23.04 -2.01
C ARG C 320 21.16 22.28 -2.85
N ALA C 321 21.23 20.96 -2.65
CA ALA C 321 22.21 20.14 -3.33
C ALA C 321 21.62 18.92 -4.03
N GLY C 322 20.31 18.74 -4.01
CA GLY C 322 19.70 17.62 -4.71
C GLY C 322 18.23 17.45 -4.38
N VAL C 323 17.50 16.73 -5.22
CA VAL C 323 16.08 16.48 -5.01
C VAL C 323 15.82 15.00 -5.26
N LEU C 324 15.19 14.35 -4.28
CA LEU C 324 14.82 12.94 -4.41
C LEU C 324 13.35 12.82 -4.82
N ALA C 325 13.10 13.20 -6.08
CA ALA C 325 11.75 13.25 -6.62
C ALA C 325 11.41 11.89 -7.23
N GLY C 326 10.80 11.02 -6.44
CA GLY C 326 10.38 9.73 -6.91
C GLY C 326 9.06 9.26 -6.32
N HIS C 327 8.39 10.13 -5.57
CA HIS C 327 7.16 9.80 -4.89
C HIS C 327 6.00 10.59 -5.46
N ASP C 328 4.84 9.94 -5.53
CA ASP C 328 3.64 10.53 -6.11
C ASP C 328 2.70 11.11 -5.05
N ASN C 329 3.12 11.14 -3.80
CA ASN C 329 2.28 11.68 -2.73
C ASN C 329 3.18 12.25 -1.65
N ARG C 330 2.57 12.69 -0.56
CA ARG C 330 3.31 13.32 0.53
C ARG C 330 4.31 12.36 1.15
N VAL C 331 5.54 12.83 1.34
CA VAL C 331 6.57 12.04 1.99
C VAL C 331 6.41 12.18 3.50
N SER C 332 6.14 11.06 4.18
CA SER C 332 5.78 11.10 5.58
C SER C 332 6.89 10.63 6.52
N CYS C 333 7.90 9.94 6.01
CA CYS C 333 8.96 9.42 6.86
C CYS C 333 10.26 9.35 6.08
N LEU C 334 11.36 9.37 6.84
CA LEU C 334 12.70 9.38 6.26
C LEU C 334 13.61 8.56 7.17
N GLY C 335 14.68 8.04 6.59
CA GLY C 335 15.63 7.24 7.36
C GLY C 335 16.96 7.13 6.66
N VAL C 336 18.03 7.12 7.46
CA VAL C 336 19.39 6.92 6.98
C VAL C 336 20.02 5.80 7.78
N THR C 337 20.67 4.87 7.09
CA THR C 337 21.25 3.71 7.76
C THR C 337 22.33 4.13 8.74
N ASP C 338 22.52 3.32 9.79
CA ASP C 338 23.63 3.55 10.70
C ASP C 338 24.97 3.41 10.00
N ASP C 339 25.04 2.53 9.00
CA ASP C 339 26.23 2.47 8.15
C ASP C 339 26.38 3.76 7.35
N GLY C 340 25.26 4.30 6.86
CA GLY C 340 25.30 5.53 6.08
C GLY C 340 25.36 5.35 4.59
N MET C 341 25.05 4.15 4.09
CA MET C 341 25.17 3.86 2.67
C MET C 341 23.84 3.91 1.93
N ALA C 342 22.76 4.28 2.59
CA ALA C 342 21.45 4.30 1.93
C ALA C 342 20.52 5.27 2.65
N VAL C 343 19.47 5.67 1.94
CA VAL C 343 18.40 6.49 2.48
C VAL C 343 17.08 5.90 2.03
N ALA C 344 16.20 5.60 2.99
CA ALA C 344 14.88 5.07 2.69
C ALA C 344 13.83 6.12 3.01
N THR C 345 12.99 6.44 2.03
CA THR C 345 11.95 7.45 2.17
C THR C 345 10.60 6.79 1.91
N GLY C 346 9.71 6.86 2.89
CA GLY C 346 8.34 6.42 2.71
C GLY C 346 7.43 7.58 2.36
N SER C 347 6.23 7.25 1.90
CA SER C 347 5.28 8.27 1.49
C SER C 347 3.87 7.70 1.57
N TRP C 348 2.89 8.55 1.28
CA TRP C 348 1.49 8.18 1.40
C TRP C 348 1.00 7.33 0.23
N ASP C 349 1.84 7.10 -0.79
CA ASP C 349 1.50 6.22 -1.89
C ASP C 349 1.85 4.76 -1.60
N SER C 350 2.02 4.41 -0.32
CA SER C 350 2.26 3.03 0.13
C SER C 350 3.51 2.43 -0.52
N PHE C 351 4.52 3.26 -0.76
CA PHE C 351 5.75 2.83 -1.39
C PHE C 351 6.95 3.29 -0.58
N LEU C 352 7.92 2.40 -0.39
CA LEU C 352 9.21 2.73 0.18
C LEU C 352 10.26 2.61 -0.91
N LYS C 353 11.25 3.51 -0.88
CA LYS C 353 12.30 3.54 -1.88
C LYS C 353 13.64 3.71 -1.20
N ILE C 354 14.62 2.91 -1.60
CA ILE C 354 15.98 2.99 -1.10
C ILE C 354 16.82 3.72 -2.14
N TRP C 355 17.54 4.75 -1.70
CA TRP C 355 18.26 5.64 -2.60
C TRP C 355 19.76 5.53 -2.34
N ASN C 356 20.52 5.31 -3.41
CA ASN C 356 21.98 5.21 -3.36
C ASN C 356 22.45 4.10 -2.42
N SER D 7 -2.13 28.62 40.19
CA SER D 7 -1.89 29.88 39.50
C SER D 7 -0.54 30.47 39.90
N ILE D 8 -0.43 30.90 41.16
CA ILE D 8 0.83 31.47 41.64
C ILE D 8 1.92 30.40 41.65
N ALA D 9 1.59 29.19 42.11
CA ALA D 9 2.57 28.11 42.12
C ALA D 9 3.01 27.75 40.71
N GLN D 10 2.07 27.70 39.77
CA GLN D 10 2.42 27.40 38.38
C GLN D 10 3.32 28.48 37.80
N ALA D 11 3.00 29.76 38.08
CA ALA D 11 3.88 30.84 37.64
C ALA D 11 5.23 30.78 38.34
N ARG D 12 5.24 30.43 39.63
CA ARG D 12 6.51 30.30 40.36
C ARG D 12 7.34 29.16 39.79
N LYS D 13 6.70 28.05 39.43
CA LYS D 13 7.44 26.92 38.85
C LYS D 13 8.09 27.32 37.53
N LEU D 14 7.35 28.04 36.67
CA LEU D 14 7.93 28.50 35.42
C LEU D 14 9.09 29.46 35.65
N VAL D 15 8.93 30.38 36.59
CA VAL D 15 10.00 31.32 36.90
C VAL D 15 11.22 30.60 37.45
N GLU D 16 11.01 29.66 38.38
CA GLU D 16 12.13 28.92 38.95
C GLU D 16 12.86 28.11 37.89
N GLN D 17 12.10 27.46 36.99
CA GLN D 17 12.73 26.70 35.92
C GLN D 17 13.46 27.62 34.94
N LEU D 18 12.91 28.83 34.69
CA LEU D 18 13.54 29.76 33.77
C LEU D 18 14.90 30.22 34.28
N LYS D 19 15.03 30.41 35.60
CA LYS D 19 16.30 30.84 36.16
C LYS D 19 17.39 29.78 35.96
N MET D 20 16.99 28.51 35.90
CA MET D 20 17.98 27.44 35.69
C MET D 20 18.64 27.56 34.33
N GLU D 21 17.85 27.89 33.30
CA GLU D 21 18.42 28.01 31.96
C GLU D 21 19.32 29.24 31.83
N ALA D 22 19.01 30.32 32.54
CA ALA D 22 19.82 31.53 32.47
C ALA D 22 21.22 31.28 33.01
N ASN D 23 21.33 30.57 34.14
CA ASN D 23 22.62 30.32 34.78
C ASN D 23 23.24 29.06 34.17
N ILE D 24 23.69 29.19 32.93
CA ILE D 24 24.39 28.13 32.22
C ILE D 24 25.61 28.72 31.53
N ASP D 25 26.56 27.84 31.21
CA ASP D 25 27.80 28.25 30.55
C ASP D 25 27.58 28.23 29.04
N ARG D 26 27.85 29.35 28.39
CA ARG D 26 27.71 29.49 26.94
C ARG D 26 29.06 29.82 26.33
N ILE D 27 29.23 29.42 25.06
CA ILE D 27 30.43 29.69 24.30
C ILE D 27 30.06 30.50 23.07
N LYS D 28 31.06 31.13 22.48
CA LYS D 28 30.84 31.93 21.27
C LYS D 28 30.43 31.02 20.11
N VAL D 29 29.65 31.61 19.19
CA VAL D 29 29.17 30.85 18.04
C VAL D 29 30.35 30.39 17.18
N SER D 30 31.32 31.27 16.96
CA SER D 30 32.50 30.89 16.19
C SER D 30 33.23 29.71 16.82
N LYS D 31 33.28 29.65 18.16
CA LYS D 31 33.83 28.48 18.82
C LYS D 31 32.96 27.24 18.58
N ALA D 32 31.64 27.42 18.63
CA ALA D 32 30.74 26.29 18.41
C ALA D 32 30.69 25.89 16.94
N ALA D 33 30.68 26.87 16.04
CA ALA D 33 30.65 26.57 14.61
C ALA D 33 31.95 25.93 14.14
N ALA D 34 33.07 26.21 14.81
CA ALA D 34 34.33 25.58 14.46
C ALA D 34 34.28 24.08 14.70
N ASP D 35 33.63 23.65 15.79
CA ASP D 35 33.50 22.23 16.07
C ASP D 35 32.69 21.53 14.98
N LEU D 36 31.61 22.15 14.52
CA LEU D 36 30.78 21.55 13.48
C LEU D 36 31.56 21.41 12.18
N MET D 37 32.34 22.43 11.81
CA MET D 37 33.14 22.34 10.60
C MET D 37 34.29 21.34 10.76
N ALA D 38 34.93 21.34 11.92
CA ALA D 38 36.03 20.39 12.16
C ALA D 38 35.53 18.95 12.16
N TYR D 39 34.35 18.71 12.72
CA TYR D 39 33.80 17.36 12.75
C TYR D 39 33.44 16.87 11.35
N CYS D 40 32.96 17.76 10.48
CA CYS D 40 32.55 17.35 9.14
C CYS D 40 33.74 16.89 8.32
N GLU D 41 34.87 17.60 8.43
CA GLU D 41 36.09 17.17 7.75
C GLU D 41 36.82 16.04 8.48
N ALA D 42 36.45 15.76 9.72
CA ALA D 42 36.99 14.59 10.39
C ALA D 42 36.41 13.30 9.82
N HIS D 43 35.19 13.37 9.29
CA HIS D 43 34.52 12.23 8.69
C HIS D 43 34.18 12.49 7.22
N ALA D 44 34.99 13.30 6.54
CA ALA D 44 34.69 13.67 5.16
C ALA D 44 34.74 12.45 4.24
N LYS D 45 35.78 11.62 4.38
CA LYS D 45 35.93 10.45 3.51
C LYS D 45 35.10 9.26 3.98
N GLU D 46 34.61 9.27 5.21
CA GLU D 46 33.81 8.18 5.74
C GLU D 46 32.32 8.35 5.47
N ASP D 47 31.94 9.27 4.59
CA ASP D 47 30.54 9.50 4.27
C ASP D 47 30.23 8.92 2.90
N PRO D 48 29.51 7.80 2.81
CA PRO D 48 29.16 7.25 1.50
C PRO D 48 28.28 8.18 0.67
N LEU D 49 27.42 8.97 1.31
CA LEU D 49 26.50 9.82 0.56
C LEU D 49 27.23 11.03 -0.03
N LEU D 50 28.13 11.64 0.75
CA LEU D 50 28.87 12.79 0.27
C LEU D 50 29.82 12.39 -0.86
N THR D 51 30.61 11.34 -0.64
CA THR D 51 31.53 10.84 -1.65
C THR D 51 31.10 9.44 -2.06
N PRO D 52 30.48 9.26 -3.23
CA PRO D 52 30.07 7.92 -3.66
C PRO D 52 31.27 6.97 -3.71
N VAL D 53 31.04 5.75 -3.21
CA VAL D 53 32.05 4.71 -3.18
C VAL D 53 31.96 3.92 -4.48
N PRO D 54 32.98 3.14 -4.86
CA PRO D 54 32.88 2.33 -6.07
C PRO D 54 31.71 1.37 -6.01
N ALA D 55 31.11 1.11 -7.17
CA ALA D 55 29.92 0.27 -7.23
C ALA D 55 30.18 -1.15 -6.73
N SER D 56 31.43 -1.61 -6.82
CA SER D 56 31.76 -2.95 -6.32
C SER D 56 31.54 -3.05 -4.82
N GLU D 57 31.69 -1.94 -4.09
CA GLU D 57 31.47 -1.92 -2.65
C GLU D 57 30.04 -1.54 -2.28
N ASN D 58 29.21 -1.20 -3.25
CA ASN D 58 27.81 -0.88 -2.96
C ASN D 58 27.06 -2.14 -2.56
N PRO D 59 26.38 -2.17 -1.42
CA PRO D 59 25.59 -3.35 -1.06
C PRO D 59 24.23 -3.39 -1.72
N PHE D 60 23.80 -2.31 -2.36
CA PHE D 60 22.48 -2.23 -2.97
C PHE D 60 22.52 -2.28 -4.49
N ARG D 61 23.57 -1.74 -5.12
CA ARG D 61 23.64 -1.75 -6.57
C ARG D 61 23.77 -3.18 -7.09
N GLU D 62 24.70 -3.95 -6.55
CA GLU D 62 24.90 -5.33 -6.96
C GLU D 62 25.71 -6.10 -5.92
N HIS E 138 -25.30 -5.13 -63.66
CA HIS E 138 -26.12 -6.16 -64.29
C HIS E 138 -26.14 -7.44 -63.45
N PHE E 139 -25.88 -8.57 -64.10
CA PHE E 139 -25.96 -9.88 -63.47
C PHE E 139 -24.58 -10.50 -63.39
N LEU E 140 -24.31 -11.16 -62.26
CA LEU E 140 -23.07 -11.89 -62.05
C LEU E 140 -23.36 -13.17 -61.29
N GLU E 141 -22.49 -14.15 -61.45
CA GLU E 141 -22.59 -15.42 -60.73
C GLU E 141 -21.43 -15.52 -59.74
N ILE E 142 -21.76 -15.69 -58.46
CA ILE E 142 -20.78 -15.80 -57.39
C ILE E 142 -21.08 -17.08 -56.63
N ASP E 143 -20.39 -18.16 -56.99
CA ASP E 143 -20.59 -19.45 -56.32
C ASP E 143 -22.02 -19.92 -56.46
N LYS E 144 -22.45 -20.14 -57.69
CA LYS E 144 -23.78 -20.67 -57.98
C LYS E 144 -24.88 -19.88 -57.29
N LYS E 145 -24.76 -18.55 -57.29
CA LYS E 145 -25.71 -17.69 -56.61
C LYS E 145 -26.13 -16.57 -57.55
N ASN E 146 -27.43 -16.40 -57.73
CA ASN E 146 -27.96 -15.34 -58.59
C ASN E 146 -27.77 -14.00 -57.89
N CYS E 147 -26.73 -13.26 -58.29
CA CYS E 147 -26.39 -12.01 -57.64
C CYS E 147 -26.35 -10.88 -58.67
N CYS E 148 -26.79 -9.70 -58.24
CA CYS E 148 -26.74 -8.49 -59.05
C CYS E 148 -25.67 -7.56 -58.50
N VAL E 149 -24.73 -7.18 -59.37
CA VAL E 149 -23.63 -6.31 -59.00
C VAL E 149 -23.69 -5.07 -59.88
N PHE E 150 -23.57 -3.89 -59.26
CA PHE E 150 -23.62 -2.63 -59.95
C PHE E 150 -22.32 -1.87 -59.74
N ARG E 151 -21.94 -1.08 -60.75
CA ARG E 151 -20.79 -0.18 -60.68
C ARG E 151 -21.29 1.21 -61.02
N ASP E 152 -21.79 1.93 -60.01
CA ASP E 152 -22.36 3.24 -60.23
C ASP E 152 -21.27 4.31 -60.29
N ASP E 153 -21.53 5.35 -61.09
CA ASP E 153 -20.56 6.42 -61.24
C ASP E 153 -20.46 7.29 -59.99
N PHE E 154 -21.58 7.45 -59.27
CA PHE E 154 -21.59 8.32 -58.10
C PHE E 154 -20.74 7.79 -56.95
N ILE E 155 -20.39 6.51 -56.98
CA ILE E 155 -19.57 5.94 -55.91
C ILE E 155 -18.21 6.62 -55.87
N VAL E 156 -17.60 6.85 -57.03
CA VAL E 156 -16.30 7.49 -57.09
C VAL E 156 -16.37 8.93 -56.61
N LYS E 157 -17.48 9.63 -56.88
CA LYS E 157 -17.57 11.06 -56.62
C LYS E 157 -17.98 11.40 -55.20
N VAL E 158 -18.49 10.45 -54.41
CA VAL E 158 -18.98 10.74 -53.08
C VAL E 158 -18.23 9.96 -52.00
N LEU E 159 -17.85 8.71 -52.27
CA LEU E 159 -17.36 7.86 -51.21
C LEU E 159 -15.89 8.14 -50.84
N PRO E 160 -14.97 8.28 -51.79
CA PRO E 160 -13.60 8.66 -51.43
C PRO E 160 -13.55 10.00 -50.71
N PRO E 161 -14.39 10.98 -51.06
CA PRO E 161 -14.50 12.15 -50.17
C PRO E 161 -14.96 11.80 -48.77
N VAL E 162 -16.07 11.07 -48.65
CA VAL E 162 -16.63 10.75 -47.33
C VAL E 162 -15.64 9.92 -46.53
N LEU E 163 -15.12 8.85 -47.12
CA LEU E 163 -14.16 7.99 -46.41
C LEU E 163 -12.83 8.69 -46.19
N GLY E 164 -12.53 9.75 -46.94
CA GLY E 164 -11.27 10.45 -46.75
C GLY E 164 -11.18 11.14 -45.40
N LEU E 165 -12.26 11.77 -44.96
CA LEU E 165 -12.25 12.52 -43.71
C LEU E 165 -12.25 11.60 -42.50
N GLU E 166 -12.80 10.39 -42.63
CA GLU E 166 -12.82 9.47 -41.49
C GLU E 166 -11.43 9.00 -41.10
N PHE E 167 -10.59 8.69 -42.10
CA PHE E 167 -9.24 8.21 -41.80
C PHE E 167 -8.35 9.33 -41.29
N ILE E 168 -8.40 10.50 -41.93
CA ILE E 168 -7.41 11.54 -41.66
C ILE E 168 -7.53 12.05 -40.23
N PHE E 169 -8.75 12.12 -39.69
CA PHE E 169 -8.91 12.45 -38.28
C PHE E 169 -8.97 11.21 -37.41
N GLY E 170 -9.43 10.08 -37.96
CA GLY E 170 -9.46 8.85 -37.20
C GLY E 170 -8.09 8.37 -36.76
N LEU E 171 -7.08 8.53 -37.63
CA LEU E 171 -5.72 8.25 -37.21
C LEU E 171 -5.29 9.18 -36.08
N LEU E 172 -5.67 10.46 -36.18
CA LEU E 172 -5.41 11.41 -35.09
C LEU E 172 -6.31 11.18 -33.89
N GLY E 173 -7.55 10.75 -34.10
CA GLY E 173 -8.47 10.53 -33.02
C GLY E 173 -8.15 9.30 -32.19
N ASN E 174 -8.26 8.12 -32.80
CA ASN E 174 -7.98 6.89 -32.07
C ASN E 174 -6.50 6.69 -31.80
N GLY E 175 -5.64 7.11 -32.72
CA GLY E 175 -4.21 6.92 -32.52
C GLY E 175 -3.67 7.69 -31.34
N LEU E 176 -4.05 8.96 -31.20
CA LEU E 176 -3.59 9.76 -30.07
C LEU E 176 -4.19 9.26 -28.77
N ALA E 177 -5.41 8.75 -28.82
CA ALA E 177 -6.03 8.17 -27.63
C ALA E 177 -5.29 6.93 -27.17
N LEU E 178 -4.70 6.18 -28.10
CA LEU E 178 -3.88 5.03 -27.73
C LEU E 178 -2.63 5.46 -26.98
N TRP E 179 -2.04 6.59 -27.37
CA TRP E 179 -0.81 7.06 -26.74
C TRP E 179 -1.04 7.37 -25.26
N ILE E 180 -2.14 8.05 -24.94
CA ILE E 180 -2.42 8.37 -23.55
C ILE E 180 -2.70 7.11 -22.75
N PHE E 181 -3.38 6.14 -23.36
CA PHE E 181 -3.74 4.91 -22.66
C PHE E 181 -2.51 4.11 -22.25
N CYS E 182 -1.41 4.23 -22.99
CA CYS E 182 -0.22 3.43 -22.76
C CYS E 182 0.88 4.17 -22.01
N PHE E 183 1.20 5.38 -22.43
CA PHE E 183 2.35 6.10 -21.89
C PHE E 183 1.98 7.33 -21.07
N HIS E 184 0.70 7.50 -20.72
CA HIS E 184 0.31 8.61 -19.88
C HIS E 184 -0.70 8.24 -18.79
N LEU E 185 -1.14 6.99 -18.72
CA LEU E 185 -2.05 6.56 -17.66
C LEU E 185 -1.26 6.07 -16.47
N LYS E 186 -1.90 6.14 -15.29
CA LYS E 186 -1.26 5.74 -14.04
C LYS E 186 -1.85 4.46 -13.46
N SER E 187 -3.17 4.43 -13.26
CA SER E 187 -3.84 3.27 -12.69
C SER E 187 -4.78 2.66 -13.72
N TRP E 188 -4.67 1.35 -13.91
CA TRP E 188 -5.52 0.61 -14.84
C TRP E 188 -6.54 -0.19 -14.06
N LYS E 189 -7.82 0.04 -14.34
CA LYS E 189 -8.92 -0.66 -13.71
C LYS E 189 -9.69 -1.44 -14.76
N SER E 190 -10.74 -2.14 -14.30
CA SER E 190 -11.53 -2.96 -15.22
C SER E 190 -12.22 -2.11 -16.27
N SER E 191 -12.75 -0.95 -15.88
CA SER E 191 -13.44 -0.10 -16.84
C SER E 191 -12.49 0.46 -17.90
N ARG E 192 -11.26 0.78 -17.52
CA ARG E 192 -10.32 1.32 -18.49
C ARG E 192 -9.80 0.25 -19.44
N ILE E 193 -9.78 -1.01 -19.02
CA ILE E 193 -9.34 -2.09 -19.90
C ILE E 193 -10.30 -2.24 -21.07
N PHE E 194 -11.60 -2.22 -20.78
CA PHE E 194 -12.60 -2.38 -21.84
C PHE E 194 -12.55 -1.21 -22.82
N LEU E 195 -12.35 0.01 -22.31
CA LEU E 195 -12.20 1.16 -23.19
C LEU E 195 -10.92 1.08 -24.01
N PHE E 196 -9.92 0.34 -23.54
CA PHE E 196 -8.72 0.14 -24.34
C PHE E 196 -8.98 -0.84 -25.48
N ASN E 197 -9.71 -1.93 -25.19
CA ASN E 197 -10.04 -2.89 -26.24
C ASN E 197 -10.91 -2.25 -27.32
N LEU E 198 -11.85 -1.40 -26.90
CA LEU E 198 -12.64 -0.66 -27.89
C LEU E 198 -11.78 0.31 -28.68
N ALA E 199 -10.75 0.88 -28.04
CA ALA E 199 -9.89 1.83 -28.74
C ALA E 199 -9.02 1.13 -29.79
N VAL E 200 -8.45 -0.03 -29.44
CA VAL E 200 -7.62 -0.73 -30.39
C VAL E 200 -8.45 -1.31 -31.54
N ALA E 201 -9.69 -1.71 -31.26
CA ALA E 201 -10.56 -2.23 -32.31
C ALA E 201 -10.90 -1.14 -33.31
N ASP E 202 -11.10 0.09 -32.83
CA ASP E 202 -11.38 1.20 -33.73
C ASP E 202 -10.15 1.60 -34.54
N PHE E 203 -8.96 1.51 -33.93
CA PHE E 203 -7.74 1.90 -34.64
C PHE E 203 -7.47 0.97 -35.82
N LEU E 204 -7.65 -0.34 -35.63
CA LEU E 204 -7.39 -1.28 -36.70
C LEU E 204 -8.37 -1.10 -37.87
N LEU E 205 -9.60 -0.68 -37.57
CA LEU E 205 -10.56 -0.43 -38.64
C LEU E 205 -10.14 0.76 -39.50
N ILE E 206 -9.48 1.75 -38.90
CA ILE E 206 -9.12 2.96 -39.63
C ILE E 206 -8.12 2.65 -40.73
N ILE E 207 -7.11 1.84 -40.43
CA ILE E 207 -6.08 1.52 -41.42
C ILE E 207 -6.61 0.71 -42.59
N CYS E 208 -7.82 0.18 -42.48
CA CYS E 208 -8.47 -0.47 -43.61
C CYS E 208 -8.95 0.53 -44.66
N LEU E 209 -9.23 1.76 -44.27
CA LEU E 209 -9.82 2.73 -45.20
C LEU E 209 -8.95 3.01 -46.43
N PRO E 210 -7.64 3.23 -46.34
CA PRO E 210 -6.87 3.49 -47.56
C PRO E 210 -6.96 2.35 -48.56
N PHE E 211 -7.00 1.11 -48.10
CA PHE E 211 -7.28 -0.01 -48.98
C PHE E 211 -8.71 0.05 -49.50
N LEU E 212 -9.65 0.42 -48.62
CA LEU E 212 -11.04 0.60 -49.05
C LEU E 212 -11.17 1.72 -50.07
N MET E 213 -10.49 2.84 -49.83
CA MET E 213 -10.67 4.01 -50.69
C MET E 213 -10.23 3.73 -52.12
N ASP E 214 -9.11 3.01 -52.29
CA ASP E 214 -8.62 2.71 -53.63
C ASP E 214 -9.62 1.87 -54.41
N ASN E 215 -10.26 0.91 -53.75
CA ASN E 215 -11.30 0.12 -54.40
C ASN E 215 -12.48 0.98 -54.85
N TYR E 216 -12.70 2.13 -54.21
CA TYR E 216 -13.78 3.04 -54.57
C TYR E 216 -13.38 4.04 -55.64
N VAL E 217 -12.15 4.56 -55.58
CA VAL E 217 -11.66 5.45 -56.63
C VAL E 217 -11.60 4.75 -57.97
N ARG E 218 -11.19 3.47 -57.98
CA ARG E 218 -11.08 2.70 -59.20
C ARG E 218 -12.40 2.09 -59.65
N ARG E 219 -13.50 2.43 -58.99
CA ARG E 219 -14.84 1.94 -59.33
C ARG E 219 -14.87 0.41 -59.29
N TRP E 220 -14.65 -0.12 -58.08
CA TRP E 220 -14.69 -1.56 -57.82
C TRP E 220 -13.67 -2.31 -58.69
N ASP E 221 -12.41 -1.89 -58.56
CA ASP E 221 -11.29 -2.50 -59.27
C ASP E 221 -10.21 -2.85 -58.26
N TRP E 222 -10.20 -4.09 -57.79
CA TRP E 222 -9.21 -4.54 -56.83
C TRP E 222 -7.93 -4.92 -57.56
N LYS E 223 -6.83 -4.27 -57.20
CA LYS E 223 -5.53 -4.54 -57.81
C LYS E 223 -4.51 -4.94 -56.76
N PHE E 224 -4.97 -5.49 -55.65
CA PHE E 224 -4.11 -5.78 -54.51
C PHE E 224 -3.80 -7.25 -54.31
N GLY E 225 -4.48 -8.15 -55.03
CA GLY E 225 -4.22 -9.57 -54.95
C GLY E 225 -5.43 -10.34 -54.49
N ASP E 226 -5.19 -11.61 -54.14
CA ASP E 226 -6.25 -12.49 -53.68
C ASP E 226 -6.30 -12.56 -52.15
N ILE E 227 -5.18 -12.94 -51.52
CA ILE E 227 -5.10 -13.03 -50.07
C ILE E 227 -5.33 -11.67 -49.42
N PRO E 228 -4.73 -10.58 -49.90
CA PRO E 228 -5.04 -9.27 -49.31
C PRO E 228 -6.51 -8.89 -49.38
N CYS E 229 -7.23 -9.35 -50.42
CA CYS E 229 -8.65 -9.05 -50.51
C CYS E 229 -9.42 -9.68 -49.37
N ARG E 230 -9.13 -10.94 -49.04
CA ARG E 230 -9.79 -11.59 -47.92
C ARG E 230 -9.41 -10.95 -46.59
N LEU E 231 -8.15 -10.52 -46.45
CA LEU E 231 -7.73 -9.87 -45.21
C LEU E 231 -8.45 -8.55 -45.00
N MET E 232 -8.60 -7.76 -46.06
CA MET E 232 -9.30 -6.48 -45.96
C MET E 232 -10.81 -6.65 -45.84
N LEU E 233 -11.34 -7.86 -46.00
CA LEU E 233 -12.74 -8.11 -45.72
C LEU E 233 -12.96 -8.73 -44.35
N PHE E 234 -12.04 -9.60 -43.92
CA PHE E 234 -12.14 -10.17 -42.58
C PHE E 234 -11.87 -9.12 -41.51
N MET E 235 -10.78 -8.36 -41.65
CA MET E 235 -10.37 -7.41 -40.63
C MET E 235 -11.20 -6.12 -40.66
N LEU E 236 -11.90 -5.85 -41.76
CA LEU E 236 -12.93 -4.81 -41.79
C LEU E 236 -14.23 -5.23 -41.13
N ALA E 237 -14.55 -6.52 -41.11
CA ALA E 237 -15.79 -7.00 -40.51
C ALA E 237 -15.60 -7.47 -39.08
N MET E 238 -14.44 -8.05 -38.77
CA MET E 238 -14.17 -8.47 -37.39
C MET E 238 -13.95 -7.26 -36.50
N ASN E 239 -13.44 -6.16 -37.06
CA ASN E 239 -13.30 -4.93 -36.30
C ASN E 239 -14.65 -4.32 -35.95
N ARG E 240 -15.56 -4.25 -36.92
CA ARG E 240 -16.83 -3.59 -36.68
C ARG E 240 -17.65 -4.33 -35.62
N GLN E 241 -17.67 -5.66 -35.66
CA GLN E 241 -18.31 -6.40 -34.59
C GLN E 241 -17.49 -6.32 -33.31
N GLY E 242 -16.18 -6.15 -33.42
CA GLY E 242 -15.36 -5.94 -32.23
C GLY E 242 -15.66 -4.64 -31.53
N SER E 243 -15.81 -3.56 -32.30
CA SER E 243 -16.15 -2.27 -31.70
C SER E 243 -17.55 -2.30 -31.12
N ILE E 244 -18.50 -2.93 -31.81
CA ILE E 244 -19.85 -3.06 -31.30
C ILE E 244 -19.87 -3.86 -30.00
N ILE E 245 -19.10 -4.95 -29.95
CA ILE E 245 -19.06 -5.78 -28.75
C ILE E 245 -18.44 -4.99 -27.59
N PHE E 246 -17.35 -4.27 -27.85
CA PHE E 246 -16.75 -3.47 -26.78
C PHE E 246 -17.33 -2.07 -26.70
N LEU E 247 -18.66 -1.95 -26.78
CA LEU E 247 -19.39 -0.82 -26.23
C LEU E 247 -20.66 -1.24 -25.52
N THR E 248 -21.23 -2.41 -25.84
CA THR E 248 -22.23 -3.01 -24.98
C THR E 248 -21.63 -3.41 -23.65
N VAL E 249 -20.40 -3.91 -23.67
CA VAL E 249 -19.69 -4.25 -22.43
C VAL E 249 -19.49 -3.00 -21.59
N VAL E 250 -19.07 -1.90 -22.22
CA VAL E 250 -18.94 -0.64 -21.50
C VAL E 250 -20.29 -0.18 -20.98
N ALA E 251 -21.34 -0.30 -21.79
CA ALA E 251 -22.68 0.07 -21.34
C ALA E 251 -23.16 -0.84 -20.21
N VAL E 252 -22.89 -2.14 -20.31
CA VAL E 252 -23.23 -3.04 -19.21
C VAL E 252 -22.36 -2.75 -17.99
N ASP E 253 -21.10 -2.40 -18.21
CA ASP E 253 -20.23 -2.04 -17.09
C ASP E 253 -20.76 -0.83 -16.33
N ARG E 254 -21.22 0.19 -17.06
CA ARG E 254 -21.80 1.36 -16.41
C ARG E 254 -23.13 1.04 -15.74
N TYR E 255 -23.89 0.10 -16.30
CA TYR E 255 -25.17 -0.27 -15.71
C TYR E 255 -24.98 -0.87 -14.31
N PHE E 256 -23.97 -1.71 -14.15
CA PHE E 256 -23.75 -2.36 -12.86
C PHE E 256 -23.16 -1.41 -11.82
N ARG E 257 -22.58 -0.30 -12.24
CA ARG E 257 -21.98 0.64 -11.31
C ARG E 257 -22.97 1.68 -10.80
N VAL E 258 -24.21 1.68 -11.30
CA VAL E 258 -25.22 2.64 -10.89
C VAL E 258 -26.45 1.95 -10.32
N VAL E 259 -26.96 0.93 -11.00
CA VAL E 259 -28.17 0.26 -10.53
C VAL E 259 -27.88 -0.76 -9.45
N HIS E 260 -26.70 -1.38 -9.47
CA HIS E 260 -26.30 -2.35 -8.44
C HIS E 260 -24.91 -1.98 -7.94
N PRO E 261 -24.80 -0.88 -7.20
CA PRO E 261 -23.47 -0.40 -6.79
C PRO E 261 -22.73 -1.33 -5.85
N HIS E 262 -23.42 -2.26 -5.18
CA HIS E 262 -22.80 -3.16 -4.22
C HIS E 262 -22.57 -4.55 -4.81
N HIS E 263 -22.73 -4.69 -6.12
CA HIS E 263 -22.53 -5.98 -6.78
C HIS E 263 -21.04 -6.30 -6.86
N ALA E 264 -20.73 -7.60 -6.82
CA ALA E 264 -19.34 -8.04 -6.84
C ALA E 264 -18.68 -7.80 -8.20
N LEU E 265 -19.47 -7.62 -9.25
CA LEU E 265 -18.91 -7.42 -10.58
C LEU E 265 -18.13 -6.12 -10.71
N ASN E 266 -18.41 -5.14 -9.85
CA ASN E 266 -17.71 -3.86 -9.91
C ASN E 266 -16.31 -3.91 -9.34
N LYS E 267 -15.90 -5.03 -8.73
CA LYS E 267 -14.62 -5.13 -8.04
C LYS E 267 -13.79 -6.27 -8.61
N ILE E 268 -13.94 -6.55 -9.90
CA ILE E 268 -13.14 -7.57 -10.55
C ILE E 268 -11.71 -7.08 -10.71
N SER E 269 -10.76 -8.01 -10.70
CA SER E 269 -9.35 -7.65 -10.80
C SER E 269 -8.98 -7.30 -12.24
N ASN E 270 -7.79 -6.75 -12.40
CA ASN E 270 -7.26 -6.46 -13.73
C ASN E 270 -6.97 -7.72 -14.53
N ARG E 271 -6.92 -8.88 -13.89
CA ARG E 271 -6.74 -10.14 -14.61
C ARG E 271 -8.05 -10.65 -15.19
N THR E 272 -9.15 -10.54 -14.43
CA THR E 272 -10.43 -11.03 -14.93
C THR E 272 -10.91 -10.22 -16.13
N ALA E 273 -10.62 -8.92 -16.15
CA ALA E 273 -10.94 -8.12 -17.33
C ALA E 273 -10.10 -8.55 -18.53
N ALA E 274 -8.82 -8.85 -18.31
CA ALA E 274 -7.97 -9.29 -19.40
C ALA E 274 -8.43 -10.62 -19.97
N ILE E 275 -8.86 -11.54 -19.11
CA ILE E 275 -9.41 -12.81 -19.58
C ILE E 275 -10.68 -12.58 -20.38
N ILE E 276 -11.56 -11.70 -19.89
CA ILE E 276 -12.80 -11.40 -20.58
C ILE E 276 -12.52 -10.74 -21.93
N SER E 277 -11.57 -9.79 -21.96
CA SER E 277 -11.26 -9.11 -23.21
C SER E 277 -10.74 -10.08 -24.27
N CYS E 278 -9.88 -11.02 -23.88
CA CYS E 278 -9.42 -12.02 -24.82
C CYS E 278 -10.51 -13.01 -25.19
N LEU E 279 -11.39 -13.36 -24.24
CA LEU E 279 -12.51 -14.23 -24.55
C LEU E 279 -13.47 -13.55 -25.53
N LEU E 280 -13.74 -12.26 -25.34
CA LEU E 280 -14.62 -11.54 -26.26
C LEU E 280 -13.97 -11.33 -27.62
N TRP E 281 -12.64 -11.23 -27.66
CA TRP E 281 -11.94 -11.20 -28.95
C TRP E 281 -12.07 -12.53 -29.69
N GLY E 282 -12.03 -13.65 -28.97
CA GLY E 282 -12.12 -14.94 -29.62
C GLY E 282 -13.46 -15.17 -30.30
N ILE E 283 -14.55 -14.86 -29.60
CA ILE E 283 -15.87 -15.01 -30.22
C ILE E 283 -16.05 -14.03 -31.37
N THR E 284 -15.42 -12.85 -31.29
CA THR E 284 -15.48 -11.91 -32.41
C THR E 284 -14.78 -12.49 -33.64
N ILE E 285 -13.59 -13.07 -33.45
CA ILE E 285 -12.88 -13.70 -34.55
C ILE E 285 -13.60 -14.94 -35.04
N GLY E 286 -14.08 -15.77 -34.11
CA GLY E 286 -14.72 -17.01 -34.47
C GLY E 286 -16.00 -16.86 -35.26
N LEU E 287 -16.62 -15.68 -35.21
CA LEU E 287 -17.84 -15.42 -35.96
C LEU E 287 -17.59 -14.88 -37.36
N THR E 288 -16.31 -14.68 -37.73
CA THR E 288 -15.99 -14.15 -39.06
C THR E 288 -14.88 -14.93 -39.74
N VAL E 289 -14.56 -16.13 -39.26
CA VAL E 289 -13.50 -16.92 -39.88
C VAL E 289 -13.92 -17.40 -41.26
N HIS E 290 -15.23 -17.48 -41.51
CA HIS E 290 -15.72 -17.93 -42.81
C HIS E 290 -15.34 -16.96 -43.93
N LEU E 291 -15.05 -15.70 -43.61
CA LEU E 291 -14.66 -14.75 -44.64
C LEU E 291 -13.30 -15.08 -45.24
N LEU E 292 -12.40 -15.66 -44.44
CA LEU E 292 -11.06 -15.95 -44.93
C LEU E 292 -11.05 -17.15 -45.88
N LYS E 293 -11.98 -18.09 -45.72
CA LYS E 293 -12.00 -19.29 -46.54
C LYS E 293 -12.65 -19.07 -47.90
N LYS E 294 -13.10 -17.86 -48.16
CA LYS E 294 -13.78 -17.62 -49.39
C LYS E 294 -12.87 -17.01 -50.40
N LYS E 295 -12.96 -17.46 -51.64
CA LYS E 295 -12.18 -16.87 -52.73
C LYS E 295 -12.99 -15.71 -53.31
N MET E 296 -12.75 -14.51 -52.78
CA MET E 296 -13.57 -13.34 -53.11
C MET E 296 -13.25 -12.69 -54.44
N PRO E 297 -11.96 -12.50 -54.84
CA PRO E 297 -11.70 -11.66 -56.02
C PRO E 297 -12.23 -12.27 -57.30
N ILE E 298 -13.56 -12.27 -57.44
CA ILE E 298 -14.20 -12.79 -58.63
C ILE E 298 -13.98 -11.81 -59.79
N GLN E 299 -14.19 -12.29 -61.01
CA GLN E 299 -14.02 -11.48 -62.20
C GLN E 299 -15.36 -10.88 -62.62
N ASN E 300 -15.43 -9.56 -62.70
CA ASN E 300 -16.62 -8.84 -63.15
C ASN E 300 -16.28 -8.14 -64.46
N GLY E 301 -16.46 -8.86 -65.57
CA GLY E 301 -16.06 -8.33 -66.85
C GLY E 301 -14.56 -8.07 -66.87
N GLY E 302 -14.18 -6.86 -67.24
CA GLY E 302 -12.79 -6.46 -67.20
C GLY E 302 -12.44 -5.79 -65.87
N ALA E 303 -13.06 -6.26 -64.80
CA ALA E 303 -12.88 -5.65 -63.49
C ALA E 303 -12.84 -6.76 -62.42
N ASN E 304 -12.15 -6.46 -61.33
CA ASN E 304 -12.07 -7.36 -60.18
C ASN E 304 -12.94 -6.81 -59.06
N LEU E 305 -13.90 -7.61 -58.61
CA LEU E 305 -14.86 -7.18 -57.59
C LEU E 305 -14.52 -7.86 -56.26
N CYS E 306 -14.17 -7.04 -55.27
CA CYS E 306 -13.94 -7.49 -53.90
C CYS E 306 -15.01 -6.87 -53.02
N SER E 307 -15.99 -7.66 -52.60
CA SER E 307 -17.07 -7.15 -51.77
C SER E 307 -17.79 -8.32 -51.12
N SER E 308 -17.91 -8.27 -49.79
CA SER E 308 -18.64 -9.27 -49.05
C SER E 308 -20.13 -8.96 -48.91
N PHE E 309 -20.54 -7.75 -49.30
CA PHE E 309 -21.95 -7.35 -49.27
C PHE E 309 -22.41 -7.16 -50.70
N SER E 310 -22.88 -8.25 -51.31
CA SER E 310 -23.42 -8.24 -52.65
C SER E 310 -24.85 -8.75 -52.61
N ILE E 311 -25.70 -8.20 -53.48
CA ILE E 311 -27.11 -8.54 -53.49
C ILE E 311 -27.31 -9.92 -54.07
N CYS E 312 -27.46 -10.93 -53.21
CA CYS E 312 -27.62 -12.32 -53.61
C CYS E 312 -28.90 -12.88 -53.03
N HIS E 313 -29.61 -13.69 -53.81
CA HIS E 313 -30.91 -14.22 -53.42
C HIS E 313 -30.79 -15.52 -52.63
N THR E 314 -29.96 -15.52 -51.59
CA THR E 314 -29.80 -16.67 -50.72
C THR E 314 -29.65 -16.21 -49.28
N PHE E 315 -29.92 -17.12 -48.35
CA PHE E 315 -29.75 -16.85 -46.93
C PHE E 315 -28.29 -17.08 -46.55
N GLN E 316 -27.65 -16.06 -45.98
CA GLN E 316 -26.25 -16.11 -45.60
C GLN E 316 -26.11 -15.76 -44.13
N TRP E 317 -25.13 -16.38 -43.48
CA TRP E 317 -24.85 -16.05 -42.08
C TRP E 317 -24.31 -14.64 -41.96
N HIS E 318 -23.49 -14.20 -42.92
CA HIS E 318 -22.92 -12.86 -42.85
C HIS E 318 -24.01 -11.80 -42.91
N GLU E 319 -25.02 -12.01 -43.76
CA GLU E 319 -26.17 -11.10 -43.77
C GLU E 319 -26.92 -11.15 -42.45
N ALA E 320 -27.10 -12.34 -41.89
CA ALA E 320 -27.76 -12.46 -40.60
C ALA E 320 -26.92 -11.85 -39.48
N MET E 321 -25.60 -12.05 -39.55
CA MET E 321 -24.71 -11.47 -38.54
C MET E 321 -24.72 -9.95 -38.59
N PHE E 322 -24.82 -9.38 -39.79
CA PHE E 322 -24.89 -7.92 -39.92
C PHE E 322 -26.14 -7.37 -39.24
N LEU E 323 -27.26 -8.08 -39.38
CA LEU E 323 -28.49 -7.65 -38.71
C LEU E 323 -28.36 -7.77 -37.19
N LEU E 324 -27.81 -8.88 -36.71
CA LEU E 324 -27.64 -9.08 -35.27
C LEU E 324 -26.59 -8.15 -34.66
N GLU E 325 -25.75 -7.53 -35.49
CA GLU E 325 -24.80 -6.54 -34.97
C GLU E 325 -25.50 -5.31 -34.41
N PHE E 326 -26.76 -5.09 -34.79
CA PHE E 326 -27.49 -3.89 -34.39
C PHE E 326 -28.66 -4.20 -33.47
N PHE E 327 -29.53 -5.13 -33.86
CA PHE E 327 -30.77 -5.35 -33.10
C PHE E 327 -30.50 -5.86 -31.70
N LEU E 328 -29.52 -6.72 -31.53
CA LEU E 328 -29.24 -7.26 -30.20
C LEU E 328 -28.52 -6.25 -29.31
N PRO E 329 -27.42 -5.63 -29.75
CA PRO E 329 -26.77 -4.62 -28.88
C PRO E 329 -27.65 -3.42 -28.59
N LEU E 330 -28.56 -3.06 -29.50
CA LEU E 330 -29.42 -1.90 -29.27
C LEU E 330 -30.33 -2.12 -28.07
N GLY E 331 -30.87 -3.33 -27.93
CA GLY E 331 -31.72 -3.61 -26.79
C GLY E 331 -30.98 -3.51 -25.47
N ILE E 332 -29.73 -4.01 -25.42
CA ILE E 332 -28.96 -3.94 -24.19
C ILE E 332 -28.54 -2.51 -23.89
N ILE E 333 -28.13 -1.76 -24.92
CA ILE E 333 -27.70 -0.38 -24.71
C ILE E 333 -28.88 0.47 -24.25
N LEU E 334 -30.04 0.33 -24.89
CA LEU E 334 -31.21 1.09 -24.49
C LEU E 334 -31.67 0.71 -23.09
N PHE E 335 -31.64 -0.58 -22.76
CA PHE E 335 -32.04 -1.01 -21.42
C PHE E 335 -31.06 -0.52 -20.36
N CYS E 336 -29.76 -0.53 -20.68
CA CYS E 336 -28.77 -0.08 -19.71
C CYS E 336 -28.76 1.43 -19.57
N SER E 337 -29.02 2.14 -20.67
CA SER E 337 -29.04 3.60 -20.61
C SER E 337 -30.32 4.13 -19.96
N ALA E 338 -31.44 3.44 -20.14
CA ALA E 338 -32.68 3.90 -19.53
C ALA E 338 -32.69 3.66 -18.03
N ARG E 339 -32.19 2.49 -17.59
CA ARG E 339 -32.17 2.19 -16.16
C ARG E 339 -31.16 3.05 -15.41
N ILE E 340 -30.04 3.40 -16.05
CA ILE E 340 -29.04 4.24 -15.39
C ILE E 340 -29.60 5.62 -15.09
N ILE E 341 -30.22 6.25 -16.08
CA ILE E 341 -30.72 7.61 -15.90
C ILE E 341 -31.94 7.61 -14.98
N TRP E 342 -32.81 6.61 -15.13
CA TRP E 342 -33.97 6.50 -14.24
C TRP E 342 -33.53 6.31 -12.79
N SER E 343 -32.54 5.45 -12.55
CA SER E 343 -32.05 5.25 -11.20
C SER E 343 -31.37 6.51 -10.66
N LEU E 344 -30.56 7.17 -11.48
CA LEU E 344 -29.90 8.40 -11.04
C LEU E 344 -30.88 9.53 -10.81
N ARG E 345 -32.13 9.39 -11.26
CA ARG E 345 -33.17 10.37 -10.99
C ARG E 345 -34.18 9.91 -9.96
N GLN E 346 -34.34 8.59 -9.78
CA GLN E 346 -35.20 8.09 -8.73
C GLN E 346 -34.69 8.51 -7.36
N ARG E 347 -33.38 8.39 -7.14
CA ARG E 347 -32.71 9.01 -6.01
C ARG E 347 -32.16 10.35 -6.47
N GLN E 348 -32.39 11.40 -5.67
CA GLN E 348 -32.12 12.77 -6.10
C GLN E 348 -30.61 13.00 -6.15
N MET E 349 -30.00 12.49 -7.22
CA MET E 349 -28.58 12.72 -7.49
C MET E 349 -28.35 13.61 -8.71
N ASP E 350 -29.38 13.91 -9.48
CA ASP E 350 -29.23 14.77 -10.65
C ASP E 350 -28.99 16.23 -10.29
N ARG E 351 -29.18 16.61 -9.02
CA ARG E 351 -28.90 17.99 -8.62
C ARG E 351 -27.43 18.32 -8.75
N HIS E 352 -26.55 17.33 -8.61
CA HIS E 352 -25.12 17.56 -8.74
C HIS E 352 -24.78 17.93 -10.18
N ALA E 353 -23.87 18.89 -10.33
CA ALA E 353 -23.49 19.38 -11.65
C ALA E 353 -22.83 18.29 -12.48
N LYS E 354 -21.91 17.54 -11.88
CA LYS E 354 -21.18 16.51 -12.64
C LYS E 354 -22.08 15.35 -13.03
N ILE E 355 -23.08 15.04 -12.20
CA ILE E 355 -24.02 13.99 -12.56
C ILE E 355 -24.83 14.39 -13.79
N LYS E 356 -25.16 15.68 -13.90
CA LYS E 356 -25.84 16.17 -15.10
C LYS E 356 -24.95 16.01 -16.33
N ARG E 357 -23.65 16.25 -16.18
CA ARG E 357 -22.72 16.08 -17.28
C ARG E 357 -22.67 14.61 -17.73
N ALA E 358 -22.66 13.69 -16.77
CA ALA E 358 -22.60 12.26 -17.10
C ALA E 358 -23.91 11.77 -17.70
N ILE E 359 -25.04 12.31 -17.24
CA ILE E 359 -26.34 11.85 -17.72
C ILE E 359 -26.49 12.15 -19.21
N THR E 360 -26.07 13.34 -19.64
CA THR E 360 -26.19 13.69 -21.05
C THR E 360 -25.37 12.75 -21.92
N PHE E 361 -24.16 12.41 -21.48
CA PHE E 361 -23.30 11.55 -22.28
C PHE E 361 -23.79 10.10 -22.32
N ILE E 362 -24.73 9.72 -21.46
CA ILE E 362 -25.36 8.41 -21.58
C ILE E 362 -26.30 8.39 -22.78
N MET E 363 -27.06 9.47 -22.98
CA MET E 363 -27.84 9.62 -24.20
C MET E 363 -26.95 9.68 -25.44
N VAL E 364 -25.81 10.37 -25.34
CA VAL E 364 -24.97 10.61 -26.51
C VAL E 364 -24.47 9.31 -27.10
N VAL E 365 -24.01 8.39 -26.24
CA VAL E 365 -23.53 7.10 -26.74
C VAL E 365 -24.68 6.28 -27.31
N ALA E 366 -25.90 6.47 -26.81
CA ALA E 366 -27.05 5.79 -27.38
C ALA E 366 -27.49 6.45 -28.68
N ILE E 367 -27.41 7.78 -28.75
CA ILE E 367 -27.83 8.49 -29.96
C ILE E 367 -26.84 8.22 -31.11
N VAL E 368 -25.55 8.27 -30.82
CA VAL E 368 -24.54 8.05 -31.85
C VAL E 368 -24.64 6.63 -32.40
N PHE E 369 -24.92 5.66 -31.53
CA PHE E 369 -25.00 4.27 -31.97
C PHE E 369 -26.13 4.07 -32.96
N VAL E 370 -27.30 4.64 -32.71
CA VAL E 370 -28.41 4.50 -33.64
C VAL E 370 -28.15 5.30 -34.91
N ILE E 371 -27.57 6.50 -34.78
CA ILE E 371 -27.33 7.34 -35.95
C ILE E 371 -26.33 6.68 -36.89
N CYS E 372 -25.30 6.05 -36.35
CA CYS E 372 -24.22 5.50 -37.15
C CYS E 372 -24.47 4.07 -37.63
N PHE E 373 -25.54 3.42 -37.17
CA PHE E 373 -25.77 2.02 -37.52
C PHE E 373 -27.17 1.71 -38.05
N LEU E 374 -28.14 2.60 -37.88
CA LEU E 374 -29.50 2.35 -38.37
C LEU E 374 -29.62 2.56 -39.88
N PRO E 375 -29.04 3.61 -40.47
CA PRO E 375 -29.22 3.81 -41.92
C PRO E 375 -28.81 2.62 -42.77
N SER E 376 -27.71 1.94 -42.41
CA SER E 376 -27.30 0.76 -43.19
C SER E 376 -28.23 -0.41 -42.96
N VAL E 377 -28.76 -0.57 -41.75
CA VAL E 377 -29.63 -1.71 -41.46
C VAL E 377 -30.97 -1.56 -42.18
N VAL E 378 -31.54 -0.35 -42.16
CA VAL E 378 -32.85 -0.14 -42.79
C VAL E 378 -32.80 -0.44 -44.28
N VAL E 379 -31.75 0.02 -44.96
CA VAL E 379 -31.60 -0.26 -46.38
C VAL E 379 -31.46 -1.76 -46.61
N ARG E 380 -30.67 -2.43 -45.79
CA ARG E 380 -30.48 -3.87 -45.93
C ARG E 380 -31.78 -4.63 -45.69
N ILE E 381 -32.64 -4.14 -44.80
CA ILE E 381 -33.95 -4.75 -44.63
C ILE E 381 -34.78 -4.58 -45.90
N ARG E 382 -34.72 -3.40 -46.50
CA ARG E 382 -35.45 -3.16 -47.74
C ARG E 382 -34.95 -4.07 -48.86
N ILE E 383 -33.63 -4.30 -48.92
CA ILE E 383 -33.07 -5.21 -49.91
C ILE E 383 -33.62 -6.61 -49.71
N PHE E 384 -33.69 -7.06 -48.46
CA PHE E 384 -34.28 -8.38 -48.19
C PHE E 384 -35.75 -8.43 -48.58
N TRP E 385 -36.44 -7.29 -48.54
CA TRP E 385 -37.84 -7.27 -48.95
C TRP E 385 -37.98 -7.40 -50.46
N LEU E 386 -37.16 -6.67 -51.22
CA LEU E 386 -37.26 -6.71 -52.67
C LEU E 386 -36.94 -8.10 -53.21
N LEU E 387 -36.01 -8.81 -52.57
CA LEU E 387 -35.69 -10.16 -53.00
C LEU E 387 -36.88 -11.09 -52.85
N HIS E 388 -37.66 -10.93 -51.78
CA HIS E 388 -38.78 -11.83 -51.51
C HIS E 388 -39.95 -11.57 -52.45
N THR E 389 -40.28 -10.30 -52.69
CA THR E 389 -41.46 -9.98 -53.49
C THR E 389 -41.19 -10.01 -54.98
N SER E 390 -40.01 -9.56 -55.41
CA SER E 390 -39.68 -9.49 -56.84
C SER E 390 -38.73 -10.58 -57.28
N GLY E 391 -37.60 -10.74 -56.60
CA GLY E 391 -36.62 -11.74 -56.97
C GLY E 391 -35.51 -11.19 -57.84
N THR E 392 -34.65 -12.11 -58.28
CA THR E 392 -33.49 -11.78 -59.09
C THR E 392 -33.80 -11.83 -60.58
N GLN E 393 -35.06 -12.07 -60.96
CA GLN E 393 -35.42 -12.15 -62.37
C GLN E 393 -35.10 -10.88 -63.13
N ASN E 394 -35.01 -9.74 -62.44
CA ASN E 394 -34.58 -8.50 -63.06
C ASN E 394 -33.71 -7.73 -62.07
N CYS E 395 -32.46 -7.46 -62.45
CA CYS E 395 -31.54 -6.75 -61.58
C CYS E 395 -31.56 -5.26 -61.89
N GLU E 396 -32.75 -4.65 -61.88
CA GLU E 396 -32.89 -3.23 -62.11
C GLU E 396 -33.56 -2.49 -60.96
N VAL E 397 -34.44 -3.14 -60.20
CA VAL E 397 -35.06 -2.50 -59.04
C VAL E 397 -34.06 -2.23 -57.93
N TYR E 398 -32.90 -2.87 -57.95
CA TYR E 398 -31.89 -2.72 -56.92
C TYR E 398 -30.88 -1.62 -57.22
N ARG E 399 -31.06 -0.89 -58.32
CA ARG E 399 -30.08 0.13 -58.69
C ARG E 399 -30.01 1.24 -57.64
N SER E 400 -31.16 1.70 -57.15
CA SER E 400 -31.18 2.80 -56.19
C SER E 400 -30.69 2.37 -54.82
N VAL E 401 -31.17 1.23 -54.32
CA VAL E 401 -30.84 0.82 -52.95
C VAL E 401 -29.36 0.45 -52.84
N ASP E 402 -28.81 -0.19 -53.87
CA ASP E 402 -27.41 -0.63 -53.81
C ASP E 402 -26.47 0.57 -53.66
N LEU E 403 -26.73 1.64 -54.39
CA LEU E 403 -25.97 2.88 -54.19
C LEU E 403 -26.20 3.43 -52.79
N ALA E 404 -27.45 3.42 -52.33
CA ALA E 404 -27.76 3.93 -51.00
C ALA E 404 -27.11 3.08 -49.91
N PHE E 405 -27.13 1.76 -50.08
CA PHE E 405 -26.62 0.87 -49.03
C PHE E 405 -25.14 1.11 -48.75
N PHE E 406 -24.34 1.22 -49.82
CA PHE E 406 -22.91 1.43 -49.62
C PHE E 406 -22.61 2.83 -49.08
N ILE E 407 -23.47 3.81 -49.36
CA ILE E 407 -23.31 5.12 -48.74
C ILE E 407 -23.64 5.05 -47.26
N THR E 408 -24.73 4.36 -46.91
CA THR E 408 -25.09 4.21 -45.50
C THR E 408 -24.10 3.31 -44.76
N LEU E 409 -23.52 2.33 -45.45
CA LEU E 409 -22.51 1.48 -44.82
C LEU E 409 -21.29 2.30 -44.40
N SER E 410 -21.04 3.42 -45.07
CA SER E 410 -19.92 4.27 -44.69
C SER E 410 -20.14 4.96 -43.36
N PHE E 411 -21.38 5.01 -42.88
CA PHE E 411 -21.66 5.56 -41.55
C PHE E 411 -21.30 4.58 -40.44
N THR E 412 -21.04 3.32 -40.77
CA THR E 412 -20.58 2.38 -39.75
C THR E 412 -19.16 2.67 -39.31
N TYR E 413 -18.37 3.35 -40.14
CA TYR E 413 -17.06 3.82 -39.73
C TYR E 413 -17.12 5.19 -39.06
N MET E 414 -18.28 5.85 -39.11
CA MET E 414 -18.50 7.08 -38.36
C MET E 414 -18.35 6.85 -36.86
N ASN E 415 -18.88 5.72 -36.38
CA ASN E 415 -18.80 5.41 -34.96
C ASN E 415 -17.35 5.27 -34.49
N SER E 416 -16.51 4.62 -35.30
CA SER E 416 -15.11 4.46 -34.94
C SER E 416 -14.34 5.79 -34.95
N MET E 417 -14.92 6.83 -35.54
CA MET E 417 -14.35 8.18 -35.50
C MET E 417 -14.80 8.97 -34.28
N LEU E 418 -16.07 8.89 -33.92
CA LEU E 418 -16.60 9.70 -32.83
C LEU E 418 -16.36 9.08 -31.46
N ASP E 419 -15.93 7.82 -31.41
CA ASP E 419 -15.70 7.17 -30.12
C ASP E 419 -14.61 7.86 -29.29
N PRO E 420 -13.44 8.22 -29.85
CA PRO E 420 -12.44 8.91 -28.99
C PRO E 420 -12.96 10.19 -28.36
N VAL E 421 -13.73 10.98 -29.11
CA VAL E 421 -14.28 12.20 -28.55
C VAL E 421 -15.35 11.89 -27.52
N VAL E 422 -16.25 10.96 -27.83
CA VAL E 422 -17.40 10.69 -26.97
C VAL E 422 -16.98 9.90 -25.73
N TYR E 423 -16.17 8.86 -25.91
CA TYR E 423 -15.91 7.93 -24.81
C TYR E 423 -14.72 8.33 -23.94
N TYR E 424 -13.60 8.72 -24.54
CA TYR E 424 -12.37 8.98 -23.79
C TYR E 424 -12.14 10.46 -23.53
N PHE E 425 -12.17 11.29 -24.58
CA PHE E 425 -11.86 12.71 -24.42
C PHE E 425 -12.96 13.47 -23.69
N SER E 426 -14.11 12.85 -23.45
CA SER E 426 -15.25 13.51 -22.81
C SER E 426 -15.39 13.08 -21.35
N SER E 427 -14.27 12.89 -20.67
CA SER E 427 -14.28 12.49 -19.27
C SER E 427 -13.41 13.45 -18.46
N PRO E 428 -13.72 13.62 -17.18
CA PRO E 428 -12.86 14.47 -16.32
C PRO E 428 -11.42 14.00 -16.26
N SER E 429 -11.19 12.69 -16.30
CA SER E 429 -9.84 12.15 -16.25
C SER E 429 -9.12 12.35 -17.59
#